data_2FH8
#
_entry.id   2FH8
#
_cell.length_a   149.525
_cell.length_b   60.320
_cell.length_c   134.019
_cell.angle_alpha   90.00
_cell.angle_beta   112.62
_cell.angle_gamma   90.00
#
_symmetry.space_group_name_H-M   'C 1 2 1'
#
loop_
_entity.id
_entity.type
_entity.pdbx_description
1 polymer 'Alpha-dextrin endo-1,6-alpha-glucosidase'
2 branched alpha-D-glucopyranose-(1-6)-beta-D-glucopyranose
3 non-polymer 'CALCIUM ION'
4 water water
#
_entity_poly.entity_id   1
_entity_poly.type   'polypeptide(L)'
_entity_poly.pdbx_seq_one_letter_code
;CDNSSSSSTSGSPGSPGNPGNPGTPGTPDPQDVVVRLPDVAVPGEAVQASARQAVIHLVDIAGITSSTPADYATKNLYLW
NNETCDALSAPVADWNDVSTTPTGSDKYGPYWVIPLTKESGCINVIVRDGTNKLIDSDLRVSFSDFTDRTVSVIAGNSAV
YDSRADAFRAAFGVALADAHWVDKTTLLWPGGENKPIVRLYYSHSSKVAADSNGEFSDKYVKLTPTTVNQQVSMRFPHLA
SYPAFKLPDDVNVDELLQGETVAIAAESDGILSSATQVQTAGVLDDTYAAAAEALSYGAQLTDSGVTFRVWAPTAQQVEL
VIYSADKKVIASHPMTRDSASGAWSWQGGSDLKGAFYRYAMTVYHPQSRKVEQYEVTDPYAHSLSTNSEYSQVVDLNDSA
LKPEGWDGLTMPHAQKTKADLAKMTIHESHIRDLSAWDQTVPAELRGKYLALTAQESNMVQHLKQLSASGVTHIELLPVF
DLATVNEFSDKVADIQQPFSRLCEVNSAVKSSEFAGYCDSGSTVEEVLTQLKQNDSKDNPQVQALNTLVAQTDSYNWGYD
PFHYTVPEGSYATDPEGTARIKEFRTMIQAIKQDLGMNVIMDVVYNHTNAAGPTDRTSVLDKIVPWYYQRLNETTGSVES
ATCCSDSAPEHRMFAKLIADSLAVWTTDYKIDGFRFDLMLYHPKAQILSAWERIKALNPDIYFFGEGWDSNQSDRFEIAS
QINLKGTGIGTFSDRLRDAVRGGGPFDSGDALRQNQGVGSGAGVLPNELTTLSDDQARHLADLTRLGMAGNLADFVLIDK
DGAVKRGSEIDYNGAPGGYAADPTEVVNYVSKHDNQTLWDMISYKAAQEADLDTRVRMQAVSLATVMLGQGIAFDQQGSE
LLRSKSFTRDSYDSGDWFNRVDYSLQDNNYNVGMPRSSDDGSNYDIIARVKDAVATPGETELKQMTAFYQELTALRKSSP
LFTLGDGATVMKRVDFRNTGADQQTGLLVMTIDDGMQAGASLDSRVDGIVVAINAAPESRTLQDFAGTSLQLSAIQQAAG
DRSLASGVQVAADGSVTLPAWSVAVLELPQGESQGAGLPVSSK
;
_entity_poly.pdbx_strand_id   A
#
# COMPACT_ATOMS: atom_id res chain seq x y z
N ASP A 32 -35.81 -43.94 2.99
CA ASP A 32 -34.68 -43.15 3.55
C ASP A 32 -34.93 -42.91 5.05
N VAL A 33 -33.99 -43.34 5.88
CA VAL A 33 -34.11 -43.17 7.31
C VAL A 33 -34.23 -41.69 7.68
N VAL A 34 -34.91 -41.41 8.79
CA VAL A 34 -35.08 -40.04 9.25
C VAL A 34 -33.99 -39.66 10.25
N VAL A 35 -33.19 -38.66 9.88
CA VAL A 35 -32.12 -38.21 10.76
C VAL A 35 -32.71 -37.56 12.00
N ARG A 36 -32.21 -37.97 13.17
CA ARG A 36 -32.70 -37.45 14.44
C ARG A 36 -31.56 -37.32 15.44
N LEU A 37 -31.84 -36.70 16.57
CA LEU A 37 -30.84 -36.56 17.62
C LEU A 37 -30.81 -37.89 18.37
N PRO A 38 -29.72 -38.14 19.10
CA PRO A 38 -29.59 -39.40 19.86
C PRO A 38 -30.84 -39.73 20.67
N ASP A 39 -31.45 -40.86 20.37
CA ASP A 39 -32.66 -41.30 21.07
C ASP A 39 -32.33 -42.17 22.28
N ALA A 170 -27.54 -30.44 22.03
CA ALA A 170 -26.73 -29.26 21.78
C ALA A 170 -25.47 -29.61 20.99
N ALA A 171 -24.67 -30.53 21.53
CA ALA A 171 -23.45 -30.95 20.87
C ALA A 171 -23.76 -31.72 19.59
N PHE A 172 -25.03 -31.75 19.21
CA PHE A 172 -25.44 -32.45 18.00
C PHE A 172 -26.18 -31.55 17.02
N GLY A 173 -26.13 -30.24 17.28
CA GLY A 173 -26.79 -29.30 16.39
C GLY A 173 -25.78 -28.79 15.38
N VAL A 174 -26.22 -27.96 14.45
CA VAL A 174 -25.33 -27.42 13.44
C VAL A 174 -24.16 -26.69 14.10
N ALA A 175 -22.95 -26.99 13.66
CA ALA A 175 -21.75 -26.37 14.23
C ALA A 175 -20.70 -26.15 13.16
N LEU A 176 -19.97 -25.05 13.29
CA LEU A 176 -18.91 -24.70 12.35
C LEU A 176 -19.46 -24.54 10.93
N ALA A 177 -18.55 -24.45 9.96
CA ALA A 177 -18.94 -24.29 8.56
C ALA A 177 -17.81 -24.87 7.72
N ASP A 178 -17.49 -26.13 7.98
CA ASP A 178 -16.41 -26.79 7.27
C ASP A 178 -16.82 -27.54 6.00
N ALA A 179 -18.05 -27.36 5.56
CA ALA A 179 -18.51 -28.01 4.32
C ALA A 179 -18.35 -26.96 3.21
N HIS A 180 -17.77 -27.38 2.08
CA HIS A 180 -17.51 -26.48 0.96
C HIS A 180 -18.17 -26.91 -0.35
N TRP A 181 -19.20 -26.17 -0.76
CA TRP A 181 -19.89 -26.49 -2.00
C TRP A 181 -19.10 -25.73 -3.07
N VAL A 182 -18.09 -26.42 -3.61
CA VAL A 182 -17.17 -25.84 -4.60
C VAL A 182 -17.62 -25.76 -6.05
N ASP A 183 -18.56 -26.62 -6.45
CA ASP A 183 -19.06 -26.56 -7.81
C ASP A 183 -20.43 -27.24 -7.88
N LYS A 184 -21.10 -27.11 -9.02
CA LYS A 184 -22.43 -27.67 -9.19
C LYS A 184 -22.70 -29.01 -8.51
N THR A 185 -21.80 -29.97 -8.69
CA THR A 185 -22.01 -31.30 -8.12
C THR A 185 -20.99 -31.78 -7.09
N THR A 186 -20.15 -30.87 -6.59
CA THR A 186 -19.14 -31.28 -5.62
C THR A 186 -19.22 -30.56 -4.29
N LEU A 187 -19.22 -31.34 -3.22
CA LEU A 187 -19.29 -30.84 -1.86
C LEU A 187 -18.12 -31.45 -1.11
N LEU A 188 -17.21 -30.62 -0.60
CA LEU A 188 -16.05 -31.12 0.13
C LEU A 188 -16.29 -30.89 1.62
N TRP A 189 -16.40 -31.99 2.36
CA TRP A 189 -16.67 -31.93 3.79
C TRP A 189 -16.08 -33.13 4.55
N PRO A 190 -15.24 -32.87 5.56
CA PRO A 190 -14.60 -33.92 6.36
C PRO A 190 -15.57 -34.64 7.31
N GLY A 191 -16.76 -34.07 7.48
CA GLY A 191 -17.74 -34.65 8.38
C GLY A 191 -18.48 -35.89 7.90
N GLY A 192 -18.72 -35.98 6.60
CA GLY A 192 -19.44 -37.13 6.08
C GLY A 192 -18.56 -38.31 5.71
N GLU A 193 -17.28 -38.24 6.05
CA GLU A 193 -16.34 -39.30 5.73
C GLU A 193 -16.68 -40.60 6.45
N ASN A 194 -16.65 -41.71 5.71
CA ASN A 194 -16.95 -43.02 6.27
C ASN A 194 -18.34 -43.06 6.89
N LYS A 195 -19.15 -42.05 6.59
CA LYS A 195 -20.51 -41.98 7.12
C LYS A 195 -21.53 -42.55 6.14
N PRO A 196 -22.45 -43.38 6.63
CA PRO A 196 -23.50 -44.01 5.82
C PRO A 196 -24.49 -43.00 5.20
N ILE A 197 -25.01 -42.10 6.03
CA ILE A 197 -25.96 -41.10 5.57
C ILE A 197 -25.33 -39.70 5.47
N VAL A 198 -25.09 -39.26 4.24
CA VAL A 198 -24.52 -37.93 4.00
C VAL A 198 -25.53 -37.15 3.16
N ARG A 199 -26.06 -36.06 3.71
CA ARG A 199 -27.05 -35.27 3.00
C ARG A 199 -26.76 -33.77 3.06
N LEU A 200 -27.45 -33.03 2.20
CA LEU A 200 -27.33 -31.58 2.14
C LEU A 200 -28.72 -31.00 2.33
N TYR A 201 -29.06 -30.68 3.58
CA TYR A 201 -30.37 -30.12 3.90
C TYR A 201 -30.43 -28.63 3.55
N TYR A 202 -31.63 -28.16 3.21
CA TYR A 202 -31.83 -26.76 2.85
C TYR A 202 -33.22 -26.25 3.22
N SER A 203 -33.29 -24.96 3.51
CA SER A 203 -34.54 -24.29 3.88
C SER A 203 -34.48 -22.88 3.30
N HIS A 204 -35.49 -22.54 2.51
CA HIS A 204 -35.56 -21.23 1.87
C HIS A 204 -35.61 -20.06 2.84
N SER A 205 -36.63 -20.03 3.68
CA SER A 205 -36.80 -18.94 4.63
C SER A 205 -36.52 -19.28 6.09
N SER A 206 -36.38 -20.56 6.39
CA SER A 206 -36.14 -20.97 7.78
C SER A 206 -34.71 -21.44 8.06
N LYS A 207 -34.45 -21.72 9.32
CA LYS A 207 -33.15 -22.20 9.76
C LYS A 207 -33.29 -23.69 10.09
N VAL A 208 -32.47 -24.52 9.46
CA VAL A 208 -32.56 -25.96 9.71
C VAL A 208 -32.30 -26.25 11.19
N ALA A 209 -33.14 -27.11 11.75
CA ALA A 209 -33.02 -27.48 13.16
C ALA A 209 -34.01 -28.60 13.45
N ALA A 210 -33.57 -29.58 14.23
CA ALA A 210 -34.43 -30.70 14.58
C ALA A 210 -35.69 -30.18 15.25
N ASP A 211 -36.85 -30.61 14.76
CA ASP A 211 -38.12 -30.18 15.34
C ASP A 211 -38.22 -30.71 16.77
N SER A 212 -39.30 -30.37 17.46
CA SER A 212 -39.51 -30.81 18.83
C SER A 212 -39.36 -32.32 18.94
N ASN A 213 -39.67 -33.02 17.84
CA ASN A 213 -39.57 -34.48 17.81
C ASN A 213 -38.13 -34.93 17.58
N GLY A 214 -37.19 -34.01 17.76
CA GLY A 214 -35.78 -34.34 17.59
C GLY A 214 -35.42 -34.80 16.19
N GLU A 215 -36.30 -34.54 15.22
CA GLU A 215 -36.06 -34.94 13.85
C GLU A 215 -35.81 -33.74 12.94
N PHE A 216 -34.93 -33.90 11.97
CA PHE A 216 -34.63 -32.83 11.01
C PHE A 216 -35.55 -33.04 9.81
N SER A 217 -36.79 -32.58 9.94
CA SER A 217 -37.79 -32.74 8.90
C SER A 217 -37.76 -31.69 7.78
N ASP A 218 -36.57 -31.38 7.28
CA ASP A 218 -36.43 -30.41 6.19
C ASP A 218 -36.07 -31.16 4.92
N LYS A 219 -36.21 -30.49 3.78
CA LYS A 219 -35.90 -31.10 2.50
C LYS A 219 -34.39 -31.27 2.36
N TYR A 220 -33.96 -32.20 1.52
CA TYR A 220 -32.54 -32.45 1.34
C TYR A 220 -32.24 -33.20 0.05
N VAL A 221 -30.95 -33.34 -0.24
CA VAL A 221 -30.48 -34.07 -1.42
C VAL A 221 -29.51 -35.12 -0.91
N LYS A 222 -29.48 -36.27 -1.58
CA LYS A 222 -28.59 -37.34 -1.18
C LYS A 222 -27.17 -37.15 -1.69
N LEU A 223 -26.21 -37.24 -0.78
CA LEU A 223 -24.80 -37.09 -1.13
C LEU A 223 -24.13 -38.44 -1.18
N THR A 224 -23.40 -38.71 -2.26
CA THR A 224 -22.72 -39.99 -2.41
C THR A 224 -21.21 -39.77 -2.51
N PRO A 225 -20.42 -40.55 -1.75
CA PRO A 225 -18.97 -40.42 -1.78
C PRO A 225 -18.43 -40.38 -3.20
N THR A 226 -17.31 -39.69 -3.38
CA THR A 226 -16.68 -39.57 -4.69
C THR A 226 -15.26 -39.03 -4.52
N THR A 227 -14.53 -38.93 -5.63
CA THR A 227 -13.17 -38.43 -5.61
C THR A 227 -13.15 -37.04 -6.26
N VAL A 228 -12.41 -36.11 -5.65
CA VAL A 228 -12.33 -34.76 -6.17
C VAL A 228 -11.76 -34.72 -7.58
N ASN A 229 -12.47 -34.04 -8.49
CA ASN A 229 -12.01 -33.93 -9.86
C ASN A 229 -10.77 -33.05 -9.94
N GLN A 230 -10.15 -33.01 -11.11
CA GLN A 230 -8.95 -32.21 -11.30
C GLN A 230 -9.28 -30.72 -11.41
N GLN A 231 -10.51 -30.41 -11.83
CA GLN A 231 -10.95 -29.03 -11.97
C GLN A 231 -11.03 -28.38 -10.61
N VAL A 232 -11.71 -29.05 -9.67
CA VAL A 232 -11.86 -28.52 -8.31
C VAL A 232 -10.52 -28.56 -7.59
N SER A 233 -9.69 -29.54 -7.94
CA SER A 233 -8.39 -29.68 -7.31
C SER A 233 -7.48 -28.50 -7.64
N MET A 234 -7.53 -28.04 -8.88
CA MET A 234 -6.71 -26.91 -9.30
C MET A 234 -7.24 -25.59 -8.77
N ARG A 235 -8.57 -25.45 -8.74
CA ARG A 235 -9.20 -24.24 -8.24
C ARG A 235 -8.95 -24.02 -6.76
N PHE A 236 -9.04 -25.10 -5.98
CA PHE A 236 -8.84 -24.99 -4.54
C PHE A 236 -7.86 -26.05 -4.02
N PRO A 237 -6.56 -25.86 -4.30
CA PRO A 237 -5.51 -26.79 -3.86
C PRO A 237 -5.60 -27.10 -2.37
N HIS A 238 -5.90 -26.07 -1.59
CA HIS A 238 -5.99 -26.20 -0.14
C HIS A 238 -7.17 -27.05 0.35
N LEU A 239 -8.04 -27.46 -0.57
CA LEU A 239 -9.20 -28.28 -0.19
C LEU A 239 -9.13 -29.65 -0.84
N ALA A 240 -8.20 -29.82 -1.76
CA ALA A 240 -8.03 -31.09 -2.49
C ALA A 240 -7.90 -32.30 -1.56
N SER A 241 -7.71 -32.03 -0.27
CA SER A 241 -7.56 -33.08 0.72
C SER A 241 -8.87 -33.53 1.37
N TYR A 242 -9.86 -32.65 1.38
CA TYR A 242 -11.17 -32.96 1.97
C TYR A 242 -11.89 -34.10 1.28
N PRO A 243 -12.66 -34.88 2.04
CA PRO A 243 -13.42 -36.00 1.48
C PRO A 243 -14.44 -35.40 0.51
N ALA A 244 -14.45 -35.88 -0.73
CA ALA A 244 -15.38 -35.36 -1.73
C ALA A 244 -16.71 -36.08 -1.77
N PHE A 245 -17.77 -35.33 -2.06
CA PHE A 245 -19.12 -35.88 -2.15
C PHE A 245 -19.82 -35.32 -3.39
N LYS A 246 -20.61 -36.18 -4.04
CA LYS A 246 -21.33 -35.83 -5.26
C LYS A 246 -22.80 -35.52 -5.02
N LEU A 247 -23.31 -34.53 -5.76
CA LEU A 247 -24.71 -34.13 -5.69
C LEU A 247 -25.38 -34.69 -6.94
N PRO A 248 -26.67 -35.02 -6.86
CA PRO A 248 -27.33 -35.54 -8.06
C PRO A 248 -27.29 -34.47 -9.15
N ASP A 249 -27.08 -34.87 -10.40
CA ASP A 249 -27.00 -33.93 -11.51
C ASP A 249 -28.32 -33.25 -11.84
N ASP A 250 -29.34 -33.48 -11.02
CA ASP A 250 -30.66 -32.88 -11.26
C ASP A 250 -31.08 -31.90 -10.18
N VAL A 251 -30.22 -31.68 -9.20
CA VAL A 251 -30.53 -30.76 -8.10
C VAL A 251 -30.63 -29.32 -8.57
N ASN A 252 -31.60 -28.59 -8.01
CA ASN A 252 -31.83 -27.20 -8.36
C ASN A 252 -30.90 -26.28 -7.55
N VAL A 253 -29.68 -26.12 -8.04
CA VAL A 253 -28.67 -25.30 -7.37
C VAL A 253 -29.17 -23.89 -7.04
N ASP A 254 -29.80 -23.25 -8.02
CA ASP A 254 -30.31 -21.90 -7.83
C ASP A 254 -31.29 -21.83 -6.66
N GLU A 255 -32.15 -22.82 -6.54
CA GLU A 255 -33.14 -22.86 -5.47
C GLU A 255 -32.51 -23.04 -4.09
N LEU A 256 -31.51 -23.92 -4.00
CA LEU A 256 -30.84 -24.17 -2.73
C LEU A 256 -29.96 -22.99 -2.31
N LEU A 257 -29.39 -22.29 -3.28
CA LEU A 257 -28.53 -21.16 -2.99
C LEU A 257 -29.30 -19.93 -2.50
N GLN A 258 -30.62 -19.98 -2.62
CA GLN A 258 -31.50 -18.89 -2.20
C GLN A 258 -31.69 -18.84 -0.69
N GLY A 259 -31.42 -19.95 -0.01
CA GLY A 259 -31.58 -19.98 1.43
C GLY A 259 -30.39 -20.58 2.15
N GLU A 260 -30.65 -21.24 3.27
CA GLU A 260 -29.58 -21.87 4.03
C GLU A 260 -29.40 -23.32 3.64
N THR A 261 -28.15 -23.75 3.56
CA THR A 261 -27.84 -25.13 3.23
C THR A 261 -26.99 -25.66 4.38
N VAL A 262 -27.27 -26.88 4.82
CA VAL A 262 -26.53 -27.49 5.91
C VAL A 262 -26.19 -28.93 5.57
N ALA A 263 -24.92 -29.28 5.73
CA ALA A 263 -24.47 -30.64 5.46
C ALA A 263 -24.67 -31.45 6.73
N ILE A 264 -25.35 -32.58 6.59
CA ILE A 264 -25.60 -33.44 7.75
C ILE A 264 -25.14 -34.86 7.48
N ALA A 265 -24.56 -35.47 8.52
CA ALA A 265 -24.07 -36.84 8.43
C ALA A 265 -24.66 -37.62 9.60
N ALA A 266 -25.12 -38.83 9.33
CA ALA A 266 -25.70 -39.67 10.36
C ALA A 266 -25.32 -41.13 10.14
N GLU A 267 -25.41 -41.93 11.20
CA GLU A 267 -25.08 -43.35 11.10
C GLU A 267 -26.15 -44.10 10.34
N SER A 268 -25.88 -45.35 10.03
CA SER A 268 -26.81 -46.19 9.30
C SER A 268 -28.19 -46.25 9.96
N ASP A 269 -28.22 -46.09 11.28
CA ASP A 269 -29.49 -46.13 12.01
C ASP A 269 -30.20 -44.78 11.98
N GLY A 270 -29.56 -43.77 11.40
CA GLY A 270 -30.17 -42.46 11.30
C GLY A 270 -29.77 -41.41 12.33
N ILE A 271 -29.13 -41.83 13.41
CA ILE A 271 -28.72 -40.87 14.44
C ILE A 271 -27.62 -39.93 13.93
N LEU A 272 -27.86 -38.63 14.09
CA LEU A 272 -26.92 -37.61 13.63
C LEU A 272 -25.54 -37.69 14.29
N SER A 273 -24.50 -37.44 13.49
CA SER A 273 -23.14 -37.46 14.00
C SER A 273 -22.48 -36.09 13.82
N SER A 274 -23.01 -35.28 12.91
CA SER A 274 -22.48 -33.94 12.67
C SER A 274 -23.29 -33.15 11.64
N ALA A 275 -23.38 -31.84 11.87
CA ALA A 275 -24.10 -30.93 10.98
C ALA A 275 -23.33 -29.62 10.95
N THR A 276 -23.08 -29.10 9.75
CA THR A 276 -22.32 -27.86 9.62
C THR A 276 -22.82 -26.96 8.48
N GLN A 277 -22.54 -25.66 8.60
CA GLN A 277 -22.95 -24.72 7.57
C GLN A 277 -22.09 -24.94 6.33
N VAL A 278 -22.53 -24.42 5.19
CA VAL A 278 -21.82 -24.60 3.94
C VAL A 278 -21.29 -23.33 3.27
N GLN A 279 -20.03 -23.37 2.87
CA GLN A 279 -19.41 -22.24 2.19
C GLN A 279 -19.69 -22.45 0.70
N THR A 280 -20.37 -21.49 0.09
CA THR A 280 -20.80 -21.58 -1.30
C THR A 280 -20.09 -20.75 -2.36
N ALA A 281 -19.02 -20.04 -1.99
CA ALA A 281 -18.30 -19.21 -2.95
C ALA A 281 -17.90 -19.98 -4.21
N GLY A 282 -17.42 -21.21 -4.03
CA GLY A 282 -17.00 -22.02 -5.16
C GLY A 282 -18.10 -22.35 -6.14
N VAL A 283 -19.26 -22.77 -5.66
CA VAL A 283 -20.35 -23.10 -6.57
C VAL A 283 -20.91 -21.83 -7.19
N LEU A 284 -20.80 -20.70 -6.48
CA LEU A 284 -21.30 -19.44 -7.03
C LEU A 284 -20.54 -19.07 -8.31
N ASP A 285 -19.22 -19.22 -8.29
CA ASP A 285 -18.43 -18.92 -9.48
C ASP A 285 -18.70 -19.91 -10.59
N ASP A 286 -18.72 -21.19 -10.24
CA ASP A 286 -18.96 -22.22 -11.23
C ASP A 286 -20.32 -22.07 -11.91
N THR A 287 -21.31 -21.56 -11.18
CA THR A 287 -22.65 -21.40 -11.74
C THR A 287 -22.92 -20.06 -12.45
N TYR A 288 -22.53 -18.95 -11.84
CA TYR A 288 -22.81 -17.62 -12.39
C TYR A 288 -21.68 -16.75 -12.91
N ALA A 289 -20.46 -16.99 -12.45
CA ALA A 289 -19.31 -16.16 -12.83
C ALA A 289 -19.17 -15.77 -14.30
N ALA A 290 -19.08 -16.76 -15.19
CA ALA A 290 -18.93 -16.47 -16.61
C ALA A 290 -20.02 -15.54 -17.13
N ALA A 291 -21.27 -15.88 -16.84
CA ALA A 291 -22.41 -15.08 -17.28
C ALA A 291 -22.37 -13.69 -16.63
N ALA A 292 -22.01 -13.63 -15.36
CA ALA A 292 -21.95 -12.35 -14.65
C ALA A 292 -20.76 -11.50 -15.09
N GLU A 293 -19.67 -12.15 -15.50
CA GLU A 293 -18.47 -11.44 -15.94
C GLU A 293 -18.68 -10.65 -17.23
N ALA A 294 -19.61 -11.11 -18.06
CA ALA A 294 -19.88 -10.48 -19.35
C ALA A 294 -20.74 -9.22 -19.25
N LEU A 295 -21.17 -8.88 -18.04
CA LEU A 295 -22.02 -7.71 -17.85
C LEU A 295 -21.29 -6.58 -17.13
N SER A 296 -21.84 -5.38 -17.21
CA SER A 296 -21.24 -4.23 -16.54
C SER A 296 -22.15 -3.82 -15.38
N TYR A 297 -21.55 -3.29 -14.33
CA TYR A 297 -22.28 -2.94 -13.11
C TYR A 297 -22.29 -1.48 -12.66
N GLY A 298 -23.16 -1.20 -11.68
CA GLY A 298 -23.30 0.14 -11.14
C GLY A 298 -24.45 0.88 -11.79
N ALA A 299 -24.56 2.17 -11.51
CA ALA A 299 -25.61 3.00 -12.08
C ALA A 299 -25.01 3.56 -13.35
N GLN A 300 -25.28 2.89 -14.47
CA GLN A 300 -24.72 3.27 -15.77
C GLN A 300 -25.60 4.23 -16.55
N LEU A 301 -25.23 5.51 -16.50
CA LEU A 301 -25.97 6.57 -17.17
C LEU A 301 -25.52 6.74 -18.62
N THR A 302 -26.37 6.34 -19.55
CA THR A 302 -26.08 6.44 -20.98
C THR A 302 -26.95 7.51 -21.66
N ASP A 303 -26.99 7.48 -22.98
CA ASP A 303 -27.77 8.44 -23.75
C ASP A 303 -29.26 8.12 -23.65
N SER A 304 -29.60 6.83 -23.80
CA SER A 304 -30.97 6.38 -23.72
C SER A 304 -31.54 6.45 -22.30
N GLY A 305 -30.67 6.67 -21.32
CA GLY A 305 -31.11 6.74 -19.95
C GLY A 305 -30.12 6.10 -18.99
N VAL A 306 -30.63 5.33 -18.03
CA VAL A 306 -29.75 4.69 -17.05
C VAL A 306 -30.14 3.24 -16.81
N THR A 307 -29.13 2.41 -16.57
CA THR A 307 -29.33 1.00 -16.27
C THR A 307 -28.58 0.68 -14.99
N PHE A 308 -29.29 0.22 -13.97
CA PHE A 308 -28.67 -0.15 -12.72
C PHE A 308 -28.47 -1.65 -12.76
N ARG A 309 -27.33 -2.13 -12.26
CA ARG A 309 -27.05 -3.55 -12.22
C ARG A 309 -26.16 -3.86 -11.03
N VAL A 310 -26.58 -4.85 -10.24
CA VAL A 310 -25.84 -5.29 -9.07
C VAL A 310 -25.85 -6.81 -9.06
N TRP A 311 -24.70 -7.41 -8.77
CA TRP A 311 -24.60 -8.87 -8.71
C TRP A 311 -25.01 -9.35 -7.34
N ALA A 312 -26.09 -10.14 -7.27
CA ALA A 312 -26.60 -10.68 -6.01
C ALA A 312 -27.24 -12.03 -6.32
N PRO A 313 -26.42 -13.02 -6.68
CA PRO A 313 -26.85 -14.38 -7.03
C PRO A 313 -27.60 -15.20 -5.99
N THR A 314 -27.51 -14.82 -4.71
CA THR A 314 -28.20 -15.57 -3.66
C THR A 314 -29.36 -14.81 -3.03
N ALA A 315 -29.57 -13.56 -3.44
CA ALA A 315 -30.65 -12.76 -2.87
C ALA A 315 -32.02 -13.28 -3.31
N GLN A 316 -32.99 -13.19 -2.41
CA GLN A 316 -34.35 -13.63 -2.71
C GLN A 316 -35.10 -12.47 -3.34
N GLN A 317 -34.71 -11.24 -2.97
CA GLN A 317 -35.32 -10.03 -3.50
C GLN A 317 -34.31 -8.89 -3.49
N VAL A 318 -34.45 -7.99 -4.45
CA VAL A 318 -33.58 -6.81 -4.55
C VAL A 318 -34.42 -5.69 -5.13
N GLU A 319 -34.48 -4.56 -4.44
CA GLU A 319 -35.25 -3.42 -4.92
C GLU A 319 -34.37 -2.18 -5.01
N LEU A 320 -34.52 -1.41 -6.08
CA LEU A 320 -33.74 -0.19 -6.25
C LEU A 320 -34.49 0.93 -5.53
N VAL A 321 -33.88 1.50 -4.49
CA VAL A 321 -34.53 2.57 -3.75
C VAL A 321 -33.95 3.92 -4.13
N ILE A 322 -34.81 4.79 -4.65
CA ILE A 322 -34.39 6.12 -5.07
C ILE A 322 -34.70 7.16 -4.01
N TYR A 323 -33.73 8.01 -3.72
CA TYR A 323 -33.90 9.07 -2.71
C TYR A 323 -33.72 10.45 -3.28
N SER A 324 -34.41 11.42 -2.68
CA SER A 324 -34.32 12.82 -3.08
C SER A 324 -33.06 13.40 -2.44
N ALA A 325 -32.73 14.64 -2.79
CA ALA A 325 -31.54 15.28 -2.25
C ALA A 325 -31.62 15.34 -0.72
N ASP A 326 -32.84 15.51 -0.20
CA ASP A 326 -33.07 15.58 1.24
C ASP A 326 -33.19 14.19 1.86
N LYS A 327 -32.89 13.18 1.04
CA LYS A 327 -32.91 11.79 1.48
C LYS A 327 -34.27 11.21 1.87
N LYS A 328 -35.31 11.56 1.13
CA LYS A 328 -36.63 11.00 1.38
C LYS A 328 -36.81 9.98 0.26
N VAL A 329 -37.44 8.86 0.55
CA VAL A 329 -37.66 7.86 -0.49
C VAL A 329 -38.64 8.42 -1.50
N ILE A 330 -38.29 8.36 -2.78
CA ILE A 330 -39.20 8.84 -3.80
C ILE A 330 -39.68 7.69 -4.68
N ALA A 331 -39.06 6.52 -4.49
CA ALA A 331 -39.43 5.33 -5.25
C ALA A 331 -38.66 4.10 -4.83
N SER A 332 -39.30 2.95 -4.93
CA SER A 332 -38.68 1.68 -4.60
C SER A 332 -39.08 0.75 -5.75
N HIS A 333 -38.13 0.46 -6.63
CA HIS A 333 -38.38 -0.38 -7.79
C HIS A 333 -37.90 -1.83 -7.65
N PRO A 334 -38.81 -2.80 -7.79
CA PRO A 334 -38.34 -4.18 -7.68
C PRO A 334 -37.48 -4.44 -8.92
N MET A 335 -36.26 -4.92 -8.74
CA MET A 335 -35.37 -5.14 -9.87
C MET A 335 -35.64 -6.45 -10.60
N THR A 336 -35.05 -6.57 -11.79
CA THR A 336 -35.23 -7.77 -12.61
C THR A 336 -34.02 -8.70 -12.52
N ARG A 337 -34.26 -9.92 -12.05
CA ARG A 337 -33.19 -10.90 -11.91
C ARG A 337 -32.90 -11.65 -13.20
N ASP A 338 -31.62 -11.73 -13.57
CA ASP A 338 -31.19 -12.46 -14.76
C ASP A 338 -30.79 -13.84 -14.26
N SER A 339 -31.52 -14.87 -14.67
CA SER A 339 -31.28 -16.24 -14.22
C SER A 339 -29.88 -16.80 -14.49
N ALA A 340 -29.30 -16.44 -15.63
CA ALA A 340 -27.98 -16.94 -15.98
C ALA A 340 -26.83 -16.36 -15.15
N SER A 341 -26.86 -15.05 -14.92
CA SER A 341 -25.80 -14.38 -14.18
C SER A 341 -26.03 -14.20 -12.69
N GLY A 342 -27.29 -14.13 -12.28
CA GLY A 342 -27.59 -13.92 -10.88
C GLY A 342 -27.51 -12.43 -10.58
N ALA A 343 -27.44 -11.63 -11.63
CA ALA A 343 -27.40 -10.18 -11.48
C ALA A 343 -28.83 -9.64 -11.54
N TRP A 344 -29.04 -8.49 -10.93
CA TRP A 344 -30.35 -7.83 -10.92
C TRP A 344 -30.20 -6.49 -11.61
N SER A 345 -31.17 -6.11 -12.43
CA SER A 345 -31.08 -4.84 -13.13
C SER A 345 -32.39 -4.07 -13.18
N TRP A 346 -32.28 -2.78 -13.49
CA TRP A 346 -33.44 -1.90 -13.60
C TRP A 346 -33.04 -0.78 -14.54
N GLN A 347 -33.88 -0.53 -15.55
CA GLN A 347 -33.61 0.51 -16.54
C GLN A 347 -34.57 1.67 -16.39
N GLY A 348 -34.02 2.88 -16.38
CA GLY A 348 -34.85 4.06 -16.23
C GLY A 348 -34.44 5.20 -17.16
N GLY A 349 -35.06 6.36 -16.98
CA GLY A 349 -34.77 7.50 -17.82
C GLY A 349 -33.57 8.29 -17.36
N SER A 350 -33.04 9.14 -18.25
CA SER A 350 -31.86 9.94 -17.93
C SER A 350 -32.13 11.00 -16.84
N ASP A 351 -33.39 11.13 -16.42
CA ASP A 351 -33.73 12.10 -15.41
C ASP A 351 -33.23 11.65 -14.03
N LEU A 352 -32.81 10.39 -13.93
CA LEU A 352 -32.30 9.86 -12.67
C LEU A 352 -30.86 10.30 -12.39
N LYS A 353 -30.29 11.06 -13.32
CA LYS A 353 -28.94 11.57 -13.14
C LYS A 353 -28.90 12.36 -11.83
N GLY A 354 -27.83 12.15 -11.06
CA GLY A 354 -27.67 12.86 -9.80
C GLY A 354 -28.50 12.34 -8.65
N ALA A 355 -29.40 11.39 -8.92
CA ALA A 355 -30.26 10.84 -7.87
C ALA A 355 -29.50 9.95 -6.89
N PHE A 356 -29.93 9.95 -5.63
CA PHE A 356 -29.29 9.11 -4.64
C PHE A 356 -30.04 7.78 -4.62
N TYR A 357 -29.33 6.69 -4.34
CA TYR A 357 -29.95 5.37 -4.33
C TYR A 357 -29.22 4.36 -3.47
N ARG A 358 -29.92 3.27 -3.17
CA ARG A 358 -29.37 2.15 -2.42
C ARG A 358 -30.15 0.93 -2.86
N TYR A 359 -29.58 -0.25 -2.62
CA TYR A 359 -30.25 -1.48 -2.99
C TYR A 359 -30.83 -2.08 -1.73
N ALA A 360 -32.13 -2.37 -1.75
CA ALA A 360 -32.82 -2.98 -0.61
C ALA A 360 -32.67 -4.47 -0.83
N MET A 361 -31.91 -5.11 0.05
CA MET A 361 -31.64 -6.53 -0.06
C MET A 361 -32.46 -7.43 0.86
N THR A 362 -32.79 -8.60 0.34
CA THR A 362 -33.48 -9.64 1.08
C THR A 362 -32.60 -10.83 0.71
N VAL A 363 -31.66 -11.13 1.58
CA VAL A 363 -30.72 -12.21 1.32
C VAL A 363 -30.29 -12.93 2.60
N TYR A 364 -30.10 -14.24 2.46
CA TYR A 364 -29.66 -15.06 3.57
C TYR A 364 -28.18 -14.79 3.83
N HIS A 365 -27.83 -14.55 5.08
CA HIS A 365 -26.44 -14.31 5.45
C HIS A 365 -26.01 -15.42 6.41
N PRO A 366 -25.10 -16.30 5.97
CA PRO A 366 -24.62 -17.42 6.78
C PRO A 366 -24.08 -17.07 8.17
N GLN A 367 -23.51 -15.89 8.32
CA GLN A 367 -22.97 -15.53 9.63
C GLN A 367 -24.07 -15.43 10.69
N SER A 368 -25.22 -14.88 10.33
CA SER A 368 -26.32 -14.75 11.28
C SER A 368 -27.38 -15.82 11.09
N ARG A 369 -27.27 -16.60 10.01
CA ARG A 369 -28.24 -17.66 9.71
C ARG A 369 -29.64 -17.08 9.64
N LYS A 370 -29.78 -15.94 8.97
CA LYS A 370 -31.06 -15.30 8.84
C LYS A 370 -31.21 -14.57 7.51
N VAL A 371 -32.43 -14.55 6.98
CA VAL A 371 -32.69 -13.85 5.72
C VAL A 371 -32.76 -12.38 6.12
N GLU A 372 -31.65 -11.68 5.91
CA GLU A 372 -31.56 -10.27 6.27
C GLU A 372 -32.33 -9.35 5.33
N GLN A 373 -32.73 -8.21 5.87
CA GLN A 373 -33.44 -7.19 5.11
C GLN A 373 -32.70 -5.89 5.41
N TYR A 374 -32.06 -5.31 4.40
CA TYR A 374 -31.35 -4.07 4.60
C TYR A 374 -30.98 -3.38 3.30
N GLU A 375 -30.78 -2.06 3.39
CA GLU A 375 -30.39 -1.26 2.22
C GLU A 375 -28.89 -1.08 2.22
N VAL A 376 -28.29 -1.25 1.05
CA VAL A 376 -26.84 -1.14 0.92
C VAL A 376 -26.43 -0.27 -0.27
N THR A 377 -25.33 0.47 -0.10
CA THR A 377 -24.84 1.32 -1.19
C THR A 377 -24.27 0.42 -2.28
N ASP A 378 -24.07 0.98 -3.46
CA ASP A 378 -23.55 0.25 -4.62
C ASP A 378 -22.03 0.02 -4.51
N PRO A 379 -21.59 -1.24 -4.55
CA PRO A 379 -20.14 -1.46 -4.47
C PRO A 379 -19.47 -0.86 -5.71
N TYR A 380 -20.28 -0.63 -6.75
CA TYR A 380 -19.77 -0.04 -7.98
C TYR A 380 -20.08 1.45 -7.99
N ALA A 381 -20.41 1.98 -6.82
CA ALA A 381 -20.73 3.40 -6.69
C ALA A 381 -19.60 4.24 -7.29
N HIS A 382 -19.99 5.31 -7.98
CA HIS A 382 -19.01 6.22 -8.58
C HIS A 382 -19.20 7.63 -8.04
N SER A 383 -20.20 7.77 -7.16
CA SER A 383 -20.49 9.04 -6.50
C SER A 383 -21.25 8.70 -5.22
N LEU A 384 -21.10 9.54 -4.20
CA LEU A 384 -21.76 9.27 -2.92
C LEU A 384 -22.22 10.52 -2.20
N SER A 385 -23.10 10.35 -1.21
CA SER A 385 -23.56 11.46 -0.41
C SER A 385 -22.53 11.57 0.72
N THR A 386 -22.67 12.59 1.57
CA THR A 386 -21.73 12.75 2.68
C THR A 386 -21.63 11.51 3.56
N ASN A 387 -20.40 11.12 3.86
CA ASN A 387 -20.08 9.94 4.69
C ASN A 387 -20.50 8.61 4.06
N SER A 388 -20.73 8.62 2.74
CA SER A 388 -21.07 7.42 1.98
C SER A 388 -22.38 6.71 2.34
N GLU A 389 -23.34 7.43 2.90
CA GLU A 389 -24.60 6.81 3.29
C GLU A 389 -25.45 6.36 2.11
N TYR A 390 -25.34 7.08 0.99
CA TYR A 390 -26.09 6.76 -0.22
C TYR A 390 -25.19 6.83 -1.44
N SER A 391 -25.39 5.94 -2.42
CA SER A 391 -24.59 6.03 -3.64
C SER A 391 -25.34 7.04 -4.50
N GLN A 392 -24.72 7.50 -5.59
CA GLN A 392 -25.37 8.49 -6.44
C GLN A 392 -25.10 8.25 -7.92
N VAL A 393 -26.12 8.44 -8.75
CA VAL A 393 -25.99 8.25 -10.18
C VAL A 393 -25.14 9.37 -10.77
N VAL A 394 -24.10 9.00 -11.50
CA VAL A 394 -23.24 10.01 -12.09
C VAL A 394 -22.65 9.56 -13.41
N ASP A 395 -22.34 10.53 -14.28
CA ASP A 395 -21.72 10.26 -15.57
C ASP A 395 -20.37 10.96 -15.48
N LEU A 396 -19.32 10.22 -15.17
CA LEU A 396 -17.99 10.80 -15.04
C LEU A 396 -17.52 11.54 -16.28
N ASN A 397 -18.19 11.31 -17.41
CA ASN A 397 -17.83 11.97 -18.67
C ASN A 397 -18.34 13.42 -18.73
N ASP A 398 -19.29 13.74 -17.86
CA ASP A 398 -19.88 15.07 -17.81
C ASP A 398 -18.80 16.15 -17.73
N SER A 399 -18.84 17.12 -18.65
CA SER A 399 -17.82 18.17 -18.65
C SER A 399 -17.92 19.06 -17.42
N ALA A 400 -19.08 19.06 -16.77
CA ALA A 400 -19.28 19.87 -15.57
C ALA A 400 -18.46 19.31 -14.41
N LEU A 401 -18.05 18.05 -14.52
CA LEU A 401 -17.27 17.39 -13.49
C LEU A 401 -15.78 17.37 -13.84
N LYS A 402 -15.41 18.17 -14.84
CA LYS A 402 -14.03 18.23 -15.30
C LYS A 402 -13.45 19.63 -15.26
N PRO A 403 -12.19 19.76 -14.84
CA PRO A 403 -11.60 21.09 -14.81
C PRO A 403 -11.29 21.46 -16.26
N GLU A 404 -11.18 22.76 -16.53
CA GLU A 404 -10.90 23.23 -17.88
C GLU A 404 -9.69 22.52 -18.49
N GLY A 405 -9.86 21.97 -19.69
CA GLY A 405 -8.78 21.30 -20.39
C GLY A 405 -8.44 19.90 -19.92
N TRP A 406 -9.27 19.33 -19.06
CA TRP A 406 -9.02 17.99 -18.53
C TRP A 406 -8.71 16.94 -19.59
N ASP A 407 -9.61 16.78 -20.56
CA ASP A 407 -9.43 15.79 -21.60
C ASP A 407 -8.08 15.84 -22.31
N GLY A 408 -7.45 17.01 -22.33
CA GLY A 408 -6.15 17.14 -22.99
C GLY A 408 -4.94 16.93 -22.08
N LEU A 409 -5.18 16.57 -20.82
CA LEU A 409 -4.10 16.36 -19.87
C LEU A 409 -3.21 15.16 -20.23
N THR A 410 -1.91 15.42 -20.36
CA THR A 410 -0.97 14.36 -20.71
C THR A 410 0.00 14.09 -19.57
N MET A 411 0.70 12.96 -19.63
CA MET A 411 1.66 12.58 -18.60
C MET A 411 2.94 13.39 -18.75
N PRO A 412 3.36 14.10 -17.70
CA PRO A 412 4.61 14.85 -17.85
C PRO A 412 5.83 13.96 -18.03
N HIS A 413 5.78 12.74 -17.50
CA HIS A 413 6.89 11.81 -17.62
C HIS A 413 6.51 10.51 -18.32
N ALA A 414 7.37 10.09 -19.25
CA ALA A 414 7.14 8.87 -20.01
C ALA A 414 7.33 7.63 -19.13
N GLN A 415 6.58 6.58 -19.46
CA GLN A 415 6.62 5.30 -18.74
C GLN A 415 6.53 4.16 -19.75
N LYS A 416 6.89 4.44 -21.00
CA LYS A 416 6.81 3.45 -22.07
C LYS A 416 7.87 2.35 -22.04
N THR A 417 9.13 2.75 -22.09
CA THR A 417 10.23 1.78 -22.08
C THR A 417 10.78 1.56 -20.67
N LYS A 418 11.62 0.56 -20.53
CA LYS A 418 12.21 0.28 -19.22
C LYS A 418 13.10 1.47 -18.81
N ALA A 419 13.78 2.08 -19.78
CA ALA A 419 14.62 3.24 -19.48
C ALA A 419 13.74 4.36 -18.93
N ASP A 420 12.55 4.53 -19.52
CA ASP A 420 11.61 5.56 -19.06
C ASP A 420 11.22 5.29 -17.61
N LEU A 421 10.81 4.05 -17.36
CA LEU A 421 10.37 3.62 -16.04
C LEU A 421 11.44 3.75 -14.96
N ALA A 422 12.68 3.42 -15.30
CA ALA A 422 13.78 3.48 -14.36
C ALA A 422 14.00 4.88 -13.78
N LYS A 423 13.65 5.91 -14.56
CA LYS A 423 13.82 7.29 -14.12
C LYS A 423 12.80 7.69 -13.05
N MET A 424 11.82 6.83 -12.82
CA MET A 424 10.79 7.10 -11.84
C MET A 424 11.43 7.39 -10.47
N THR A 425 11.03 8.52 -9.88
CA THR A 425 11.53 8.96 -8.58
C THR A 425 10.28 9.44 -7.84
N ILE A 426 9.79 8.57 -6.95
CA ILE A 426 8.55 8.81 -6.22
C ILE A 426 8.64 9.54 -4.88
N HIS A 427 7.59 10.31 -4.61
CA HIS A 427 7.44 11.10 -3.38
C HIS A 427 6.08 10.70 -2.82
N GLU A 428 6.09 9.80 -1.82
CA GLU A 428 4.87 9.31 -1.19
C GLU A 428 4.27 10.36 -0.27
N SER A 429 3.09 10.84 -0.60
CA SER A 429 2.44 11.90 0.17
C SER A 429 1.03 11.59 0.67
N HIS A 430 0.60 12.35 1.67
CA HIS A 430 -0.73 12.20 2.27
C HIS A 430 -1.40 13.57 2.19
N ILE A 431 -2.70 13.60 1.89
CA ILE A 431 -3.43 14.86 1.75
C ILE A 431 -3.33 15.79 2.95
N ARG A 432 -3.49 15.28 4.17
CA ARG A 432 -3.37 16.15 5.34
C ARG A 432 -1.89 16.41 5.68
N ASP A 433 -1.06 15.38 5.58
CA ASP A 433 0.37 15.55 5.87
C ASP A 433 0.93 16.70 5.05
N LEU A 434 0.40 16.86 3.83
CA LEU A 434 0.85 17.92 2.94
C LEU A 434 0.50 19.34 3.36
N SER A 435 -0.78 19.60 3.65
CA SER A 435 -1.20 20.96 3.97
C SER A 435 -1.87 21.27 5.31
N ALA A 436 -2.04 20.26 6.16
CA ALA A 436 -2.70 20.48 7.45
C ALA A 436 -2.05 21.54 8.33
N TRP A 437 -0.75 21.74 8.17
CA TRP A 437 -0.02 22.72 8.97
C TRP A 437 0.46 23.96 8.21
N ASP A 438 0.29 23.97 6.89
CA ASP A 438 0.75 25.11 6.10
C ASP A 438 -0.13 26.34 6.21
N GLN A 439 0.33 27.32 6.98
CA GLN A 439 -0.43 28.55 7.16
C GLN A 439 -0.49 29.40 5.89
N THR A 440 0.33 29.07 4.91
CA THR A 440 0.35 29.83 3.66
C THR A 440 -0.62 29.23 2.64
N VAL A 441 -1.25 28.13 3.02
CA VAL A 441 -2.26 27.51 2.17
C VAL A 441 -3.56 28.11 2.69
N PRO A 442 -4.44 28.60 1.79
CA PRO A 442 -5.70 29.18 2.26
C PRO A 442 -6.35 28.24 3.28
N ALA A 443 -6.73 28.79 4.42
CA ALA A 443 -7.35 28.02 5.50
C ALA A 443 -8.39 26.99 5.08
N GLU A 444 -9.28 27.34 4.16
CA GLU A 444 -10.33 26.43 3.75
C GLU A 444 -9.85 25.26 2.89
N LEU A 445 -8.60 25.30 2.45
CA LEU A 445 -8.05 24.23 1.63
C LEU A 445 -7.05 23.34 2.36
N ARG A 446 -6.73 23.67 3.61
CA ARG A 446 -5.80 22.86 4.36
C ARG A 446 -6.40 21.47 4.59
N GLY A 447 -5.65 20.43 4.22
CA GLY A 447 -6.13 19.07 4.38
C GLY A 447 -7.07 18.65 3.28
N LYS A 448 -7.08 19.42 2.19
CA LYS A 448 -7.96 19.16 1.05
C LYS A 448 -7.19 18.92 -0.25
N TYR A 449 -7.83 18.27 -1.21
CA TYR A 449 -7.20 18.00 -2.50
C TYR A 449 -6.76 19.31 -3.14
N LEU A 450 -7.63 20.32 -3.07
CA LEU A 450 -7.35 21.62 -3.68
C LEU A 450 -6.16 22.39 -3.11
N ALA A 451 -5.57 21.91 -2.02
CA ALA A 451 -4.42 22.59 -1.44
C ALA A 451 -3.30 22.58 -2.49
N LEU A 452 -3.27 21.56 -3.34
CA LEU A 452 -2.25 21.46 -4.36
C LEU A 452 -2.33 22.58 -5.41
N THR A 453 -3.43 23.35 -5.40
CA THR A 453 -3.58 24.44 -6.36
C THR A 453 -3.12 25.79 -5.82
N ALA A 454 -2.74 25.84 -4.54
CA ALA A 454 -2.26 27.10 -3.95
C ALA A 454 -0.80 27.29 -4.31
N GLN A 455 -0.57 27.76 -5.53
CA GLN A 455 0.78 27.95 -6.07
C GLN A 455 1.73 28.82 -5.25
N GLU A 456 1.20 29.76 -4.47
CA GLU A 456 2.06 30.62 -3.67
C GLU A 456 2.40 30.08 -2.29
N SER A 457 1.79 28.96 -1.91
CA SER A 457 2.04 28.36 -0.60
C SER A 457 3.43 27.76 -0.52
N ASN A 458 3.94 27.61 0.71
CA ASN A 458 5.25 27.02 0.96
C ASN A 458 5.27 25.58 0.46
N MET A 459 4.19 24.86 0.74
CA MET A 459 4.07 23.45 0.35
C MET A 459 4.13 23.26 -1.16
N VAL A 460 3.29 23.97 -1.90
CA VAL A 460 3.28 23.82 -3.35
C VAL A 460 4.62 24.24 -3.93
N GLN A 461 5.13 25.38 -3.46
CA GLN A 461 6.41 25.89 -3.93
C GLN A 461 7.51 24.87 -3.68
N HIS A 462 7.40 24.19 -2.54
CA HIS A 462 8.38 23.17 -2.17
C HIS A 462 8.33 22.01 -3.18
N LEU A 463 7.13 21.48 -3.42
CA LEU A 463 6.95 20.36 -4.36
C LEU A 463 7.39 20.76 -5.76
N LYS A 464 7.10 22.01 -6.12
CA LYS A 464 7.48 22.52 -7.43
C LYS A 464 8.99 22.41 -7.59
N GLN A 465 9.74 22.87 -6.59
CA GLN A 465 11.19 22.81 -6.65
C GLN A 465 11.69 21.37 -6.67
N LEU A 466 11.08 20.49 -5.88
CA LEU A 466 11.49 19.09 -5.88
C LEU A 466 11.33 18.53 -7.28
N SER A 467 10.21 18.87 -7.94
CA SER A 467 9.98 18.40 -9.29
C SER A 467 11.06 18.92 -10.24
N ALA A 468 11.31 20.23 -10.16
CA ALA A 468 12.32 20.83 -11.02
C ALA A 468 13.67 20.16 -10.82
N SER A 469 13.90 19.60 -9.64
CA SER A 469 15.16 18.94 -9.30
C SER A 469 15.24 17.44 -9.55
N GLY A 470 14.17 16.81 -10.03
CA GLY A 470 14.27 15.38 -10.28
C GLY A 470 13.22 14.44 -9.70
N VAL A 471 12.32 14.95 -8.87
CA VAL A 471 11.26 14.11 -8.34
C VAL A 471 10.27 14.04 -9.50
N THR A 472 9.92 12.83 -9.93
CA THR A 472 9.02 12.69 -11.08
C THR A 472 7.58 12.29 -10.80
N HIS A 473 7.35 11.60 -9.69
CA HIS A 473 6.02 11.13 -9.34
C HIS A 473 5.60 11.44 -7.92
N ILE A 474 4.29 11.63 -7.73
CA ILE A 474 3.71 11.86 -6.43
C ILE A 474 2.85 10.61 -6.23
N GLU A 475 3.06 9.91 -5.12
CA GLU A 475 2.25 8.73 -4.84
C GLU A 475 1.33 9.13 -3.71
N LEU A 476 0.03 8.99 -3.92
CA LEU A 476 -0.94 9.37 -2.92
C LEU A 476 -1.44 8.25 -2.02
N LEU A 477 -1.36 8.46 -0.71
CA LEU A 477 -1.89 7.50 0.23
C LEU A 477 -3.39 7.49 -0.09
N PRO A 478 -4.12 6.45 0.34
CA PRO A 478 -5.55 6.30 0.10
C PRO A 478 -6.40 7.55 -0.17
N VAL A 479 -6.80 7.73 -1.43
CA VAL A 479 -7.69 8.85 -1.78
C VAL A 479 -9.01 8.31 -2.33
N PHE A 480 -9.19 7.00 -2.24
CA PHE A 480 -10.46 6.40 -2.65
C PHE A 480 -11.30 6.60 -1.38
N ASP A 481 -12.57 6.21 -1.40
CA ASP A 481 -13.42 6.44 -0.23
C ASP A 481 -13.07 5.58 1.00
N LEU A 482 -12.41 6.18 1.98
CA LEU A 482 -12.06 5.46 3.19
C LEU A 482 -13.22 5.56 4.18
N ALA A 483 -13.20 4.70 5.19
CA ALA A 483 -14.29 4.66 6.16
C ALA A 483 -14.01 5.31 7.52
N THR A 484 -12.74 5.33 7.91
CA THR A 484 -12.29 5.82 9.22
C THR A 484 -12.21 7.31 9.54
N VAL A 485 -12.92 8.13 8.79
CA VAL A 485 -12.97 9.57 9.04
C VAL A 485 -14.42 9.92 8.78
N ASN A 486 -15.07 10.58 9.74
CA ASN A 486 -16.46 10.96 9.56
C ASN A 486 -16.45 12.17 8.62
N GLU A 487 -17.24 12.10 7.55
CA GLU A 487 -17.27 13.20 6.58
C GLU A 487 -18.24 14.33 6.95
N PHE A 488 -18.99 14.14 8.03
CA PHE A 488 -19.91 15.18 8.50
C PHE A 488 -19.06 16.09 9.41
N SER A 489 -18.69 17.25 8.88
CA SER A 489 -17.84 18.19 9.63
C SER A 489 -18.27 18.48 11.06
N ASP A 490 -19.55 18.49 11.35
CA ASP A 490 -19.99 18.79 12.72
C ASP A 490 -19.70 17.68 13.73
N LYS A 491 -19.31 16.51 13.23
CA LYS A 491 -19.01 15.39 14.12
C LYS A 491 -17.49 15.26 14.28
N VAL A 492 -16.76 16.19 13.70
CA VAL A 492 -15.31 16.16 13.74
C VAL A 492 -14.70 17.36 14.44
N ALA A 493 -13.56 17.15 15.11
CA ALA A 493 -12.83 18.19 15.80
C ALA A 493 -11.35 17.99 15.55
N ASP A 494 -10.69 19.04 15.06
CA ASP A 494 -9.26 18.96 14.79
C ASP A 494 -8.48 19.80 15.79
N ILE A 495 -7.17 19.57 15.87
CA ILE A 495 -6.34 20.27 16.85
C ILE A 495 -6.27 21.79 16.74
N GLN A 496 -6.55 22.33 15.57
CA GLN A 496 -6.49 23.78 15.39
C GLN A 496 -7.75 24.47 15.94
N GLN A 497 -8.75 23.67 16.30
CA GLN A 497 -10.02 24.19 16.81
C GLN A 497 -10.07 24.19 18.33
N PRO A 498 -11.02 24.93 18.93
CA PRO A 498 -11.18 25.03 20.38
C PRO A 498 -11.34 23.68 21.09
N PHE A 499 -10.78 23.57 22.29
CA PHE A 499 -10.90 22.33 23.04
C PHE A 499 -12.38 22.11 23.33
N SER A 500 -13.14 23.19 23.41
CA SER A 500 -14.57 23.08 23.68
C SER A 500 -15.27 22.30 22.58
N ARG A 501 -14.78 22.45 21.35
CA ARG A 501 -15.38 21.73 20.23
C ARG A 501 -15.09 20.23 20.41
N LEU A 502 -13.87 19.92 20.78
CA LEU A 502 -13.47 18.53 20.98
C LEU A 502 -14.34 17.83 22.02
N CYS A 503 -14.64 18.53 23.11
CA CYS A 503 -15.47 17.97 24.17
C CYS A 503 -16.90 17.71 23.71
N GLU A 504 -17.41 18.58 22.84
CA GLU A 504 -18.77 18.40 22.34
C GLU A 504 -18.91 17.27 21.32
N VAL A 505 -17.83 16.97 20.60
CA VAL A 505 -17.91 15.87 19.63
C VAL A 505 -17.30 14.58 20.14
N ASN A 506 -16.53 14.66 21.22
CA ASN A 506 -15.87 13.48 21.78
C ASN A 506 -16.20 13.25 23.25
N SER A 507 -17.11 12.32 23.52
CA SER A 507 -17.51 12.05 24.90
C SER A 507 -16.40 11.40 25.72
N ALA A 508 -15.44 10.76 25.05
CA ALA A 508 -14.32 10.12 25.74
C ALA A 508 -13.43 11.18 26.36
N VAL A 509 -13.25 12.29 25.65
CA VAL A 509 -12.43 13.38 26.17
C VAL A 509 -13.15 14.03 27.35
N LYS A 510 -14.45 14.24 27.18
CA LYS A 510 -15.27 14.87 28.20
C LYS A 510 -15.31 14.11 29.54
N SER A 511 -15.00 12.81 29.51
CA SER A 511 -15.01 12.01 30.73
C SER A 511 -13.59 11.63 31.17
N SER A 512 -12.59 12.17 30.48
CA SER A 512 -11.20 11.86 30.77
C SER A 512 -10.58 12.81 31.79
N GLU A 513 -9.29 12.63 32.03
CA GLU A 513 -8.55 13.48 32.96
C GLU A 513 -8.34 14.85 32.34
N PHE A 514 -8.67 14.99 31.05
CA PHE A 514 -8.49 16.27 30.36
C PHE A 514 -9.77 17.11 30.32
N ALA A 515 -10.82 16.61 30.96
CA ALA A 515 -12.11 17.31 30.98
C ALA A 515 -11.99 18.76 31.40
N GLY A 516 -11.06 19.05 32.31
CA GLY A 516 -10.89 20.42 32.78
C GLY A 516 -10.60 21.45 31.71
N TYR A 517 -10.14 21.00 30.54
CA TYR A 517 -9.84 21.92 29.44
C TYR A 517 -11.07 22.25 28.61
N CYS A 518 -12.16 21.52 28.83
CA CYS A 518 -13.39 21.71 28.07
C CYS A 518 -13.92 23.13 28.05
N ASP A 519 -13.99 23.76 29.22
CA ASP A 519 -14.49 25.13 29.27
C ASP A 519 -13.33 26.12 29.32
N SER A 520 -12.15 25.67 28.86
CA SER A 520 -11.00 26.55 28.83
C SER A 520 -11.16 27.31 27.52
N GLY A 521 -10.26 28.24 27.23
CA GLY A 521 -10.38 29.00 26.00
C GLY A 521 -9.27 28.64 25.03
N SER A 522 -8.60 27.52 25.28
CA SER A 522 -7.49 27.09 24.43
C SER A 522 -7.91 26.15 23.31
N THR A 523 -7.08 26.06 22.29
CA THR A 523 -7.34 25.14 21.19
C THR A 523 -6.66 23.85 21.63
N VAL A 524 -7.01 22.73 21.01
CA VAL A 524 -6.40 21.45 21.40
C VAL A 524 -4.89 21.54 21.19
N GLU A 525 -4.51 22.16 20.08
CA GLU A 525 -3.11 22.35 19.70
C GLU A 525 -2.32 23.08 20.79
N GLU A 526 -2.92 24.11 21.36
CA GLU A 526 -2.26 24.90 22.40
C GLU A 526 -2.11 24.05 23.66
N VAL A 527 -3.08 23.18 23.90
CA VAL A 527 -3.04 22.31 25.07
C VAL A 527 -1.93 21.28 24.89
N LEU A 528 -1.86 20.69 23.69
CA LEU A 528 -0.84 19.70 23.40
C LEU A 528 0.55 20.33 23.57
N THR A 529 0.71 21.55 23.09
CA THR A 529 1.97 22.27 23.19
C THR A 529 2.43 22.43 24.65
N GLN A 530 1.52 22.84 25.52
CA GLN A 530 1.86 23.04 26.93
C GLN A 530 2.20 21.72 27.64
N LEU A 531 1.57 20.62 27.22
CA LEU A 531 1.83 19.32 27.85
C LEU A 531 3.20 18.75 27.52
N LYS A 532 3.86 19.34 26.52
CA LYS A 532 5.19 18.86 26.11
C LYS A 532 6.29 18.94 27.16
N GLN A 533 6.45 20.10 27.78
CA GLN A 533 7.53 20.27 28.75
C GLN A 533 7.64 19.20 29.83
N ASN A 534 6.50 18.75 30.33
CA ASN A 534 6.47 17.74 31.39
C ASN A 534 6.22 16.33 30.85
N ASP A 535 6.26 16.18 29.53
CA ASP A 535 6.03 14.88 28.90
C ASP A 535 7.28 14.01 28.94
N SER A 536 7.12 12.76 29.33
CA SER A 536 8.24 11.83 29.42
C SER A 536 7.74 10.39 29.42
N LYS A 537 8.68 9.45 29.47
CA LYS A 537 8.33 8.04 29.49
C LYS A 537 7.47 7.72 30.71
N ASP A 538 7.63 8.51 31.76
CA ASP A 538 6.85 8.29 32.97
C ASP A 538 5.52 9.05 32.96
N ASN A 539 5.43 10.05 32.09
CA ASN A 539 4.22 10.83 31.96
C ASN A 539 4.00 11.20 30.49
N PRO A 540 3.56 10.23 29.68
CA PRO A 540 3.30 10.40 28.25
C PRO A 540 1.93 11.03 28.08
N GLN A 541 1.79 12.26 28.54
CA GLN A 541 0.53 12.97 28.48
C GLN A 541 0.17 13.52 27.09
N VAL A 542 1.19 13.79 26.27
CA VAL A 542 0.93 14.30 24.93
C VAL A 542 0.17 13.22 24.15
N GLN A 543 0.72 12.02 24.07
CA GLN A 543 0.06 10.93 23.35
C GLN A 543 -1.25 10.53 24.02
N ALA A 544 -1.31 10.67 25.35
CA ALA A 544 -2.52 10.31 26.08
C ALA A 544 -3.70 11.14 25.61
N LEU A 545 -3.49 12.45 25.45
CA LEU A 545 -4.55 13.33 24.98
C LEU A 545 -4.78 13.10 23.49
N ASN A 546 -3.70 13.04 22.72
CA ASN A 546 -3.80 12.84 21.28
C ASN A 546 -4.51 11.55 20.90
N THR A 547 -4.41 10.53 21.74
CA THR A 547 -5.06 9.26 21.45
C THR A 547 -6.57 9.41 21.46
N LEU A 548 -7.08 10.31 22.30
CA LEU A 548 -8.51 10.56 22.37
C LEU A 548 -8.89 11.44 21.19
N VAL A 549 -8.03 12.40 20.88
CA VAL A 549 -8.24 13.31 19.76
C VAL A 549 -8.40 12.53 18.45
N ALA A 550 -7.53 11.55 18.24
CA ALA A 550 -7.52 10.73 17.04
C ALA A 550 -8.86 10.04 16.73
N GLN A 551 -9.68 9.83 17.75
CA GLN A 551 -10.96 9.17 17.55
C GLN A 551 -11.96 10.00 16.73
N THR A 552 -11.88 11.32 16.85
CA THR A 552 -12.81 12.18 16.16
C THR A 552 -12.23 13.30 15.29
N ASP A 553 -10.96 13.17 14.90
CA ASP A 553 -10.34 14.19 14.06
C ASP A 553 -10.50 13.82 12.58
N SER A 554 -9.88 14.59 11.70
CA SER A 554 -9.96 14.34 10.27
C SER A 554 -8.79 13.49 9.78
N TYR A 555 -8.00 12.95 10.70
CA TYR A 555 -6.82 12.19 10.29
C TYR A 555 -6.83 10.66 10.30
N ASN A 556 -6.33 10.10 9.21
CA ASN A 556 -6.18 8.66 9.06
C ASN A 556 -5.49 8.37 7.72
N TRP A 557 -4.56 7.44 7.70
CA TRP A 557 -3.87 7.08 6.45
C TRP A 557 -4.93 6.67 5.43
N GLY A 558 -5.96 6.00 5.93
CA GLY A 558 -7.06 5.58 5.05
C GLY A 558 -7.00 4.20 4.43
N TYR A 559 -6.22 3.29 5.00
CA TYR A 559 -6.15 1.94 4.45
C TYR A 559 -7.36 1.15 4.94
N ASP A 560 -8.54 1.73 4.73
CA ASP A 560 -9.79 1.13 5.16
C ASP A 560 -10.89 1.38 4.13
N PRO A 561 -10.89 0.60 3.05
CA PRO A 561 -11.86 0.69 1.94
C PRO A 561 -13.34 0.63 2.31
N PHE A 562 -14.09 1.65 1.89
CA PHE A 562 -15.53 1.72 2.10
C PHE A 562 -16.10 1.52 0.69
N HIS A 563 -15.59 2.29 -0.26
CA HIS A 563 -15.97 2.19 -1.67
C HIS A 563 -14.69 2.37 -2.47
N TYR A 564 -14.40 1.40 -3.32
CA TYR A 564 -13.18 1.40 -4.10
C TYR A 564 -13.08 2.35 -5.28
N THR A 565 -14.20 2.87 -5.76
CA THR A 565 -14.14 3.71 -6.96
C THR A 565 -14.81 5.08 -6.86
N VAL A 566 -14.64 5.73 -5.72
CA VAL A 566 -15.17 7.06 -5.47
C VAL A 566 -14.10 7.77 -4.64
N PRO A 567 -13.79 9.04 -4.96
CA PRO A 567 -12.77 9.75 -4.20
C PRO A 567 -13.24 9.90 -2.74
N GLU A 568 -12.30 10.03 -1.81
CA GLU A 568 -12.63 10.21 -0.41
C GLU A 568 -13.35 11.55 -0.26
N GLY A 569 -14.36 11.61 0.59
CA GLY A 569 -15.10 12.86 0.75
C GLY A 569 -14.50 13.91 1.67
N SER A 570 -13.85 13.49 2.75
CA SER A 570 -13.26 14.44 3.70
C SER A 570 -12.20 15.34 3.10
N TYR A 571 -11.60 14.92 1.98
CA TYR A 571 -10.57 15.73 1.34
C TYR A 571 -11.14 16.74 0.36
N ALA A 572 -12.46 16.75 0.23
CA ALA A 572 -13.15 17.69 -0.65
C ALA A 572 -13.72 18.79 0.22
N THR A 573 -13.86 20.00 -0.34
CA THR A 573 -14.41 21.09 0.43
C THR A 573 -15.91 20.86 0.63
N ASP A 574 -16.52 20.04 -0.23
CA ASP A 574 -17.94 19.71 -0.14
C ASP A 574 -18.11 18.21 -0.39
N PRO A 575 -18.34 17.44 0.68
CA PRO A 575 -18.51 15.99 0.59
C PRO A 575 -19.88 15.50 0.11
N GLU A 576 -20.82 16.41 -0.11
CA GLU A 576 -22.14 16.00 -0.56
C GLU A 576 -22.29 15.89 -2.08
N GLY A 577 -22.42 14.66 -2.55
CA GLY A 577 -22.60 14.45 -3.98
C GLY A 577 -21.38 14.47 -4.87
N THR A 578 -21.60 14.87 -6.12
CA THR A 578 -20.56 14.91 -7.14
C THR A 578 -19.44 15.93 -7.02
N ALA A 579 -19.63 16.95 -6.18
CA ALA A 579 -18.62 17.99 -6.03
C ALA A 579 -17.18 17.49 -5.89
N ARG A 580 -16.95 16.47 -5.07
CA ARG A 580 -15.60 15.96 -4.85
C ARG A 580 -14.92 15.47 -6.13
N ILE A 581 -15.72 15.02 -7.10
CA ILE A 581 -15.17 14.51 -8.34
C ILE A 581 -14.34 15.54 -9.09
N LYS A 582 -14.88 16.74 -9.29
CA LYS A 582 -14.13 17.77 -9.98
C LYS A 582 -12.94 18.26 -9.15
N GLU A 583 -13.11 18.39 -7.83
CA GLU A 583 -12.01 18.85 -6.98
C GLU A 583 -10.83 17.88 -7.07
N PHE A 584 -11.14 16.58 -7.10
CA PHE A 584 -10.10 15.56 -7.19
C PHE A 584 -9.36 15.71 -8.52
N ARG A 585 -10.11 15.86 -9.61
CA ARG A 585 -9.51 16.02 -10.93
C ARG A 585 -8.69 17.29 -11.02
N THR A 586 -9.17 18.35 -10.38
CA THR A 586 -8.43 19.61 -10.39
C THR A 586 -7.05 19.41 -9.77
N MET A 587 -6.98 18.58 -8.73
CA MET A 587 -5.70 18.29 -8.07
C MET A 587 -4.79 17.48 -9.00
N ILE A 588 -5.34 16.45 -9.62
CA ILE A 588 -4.56 15.62 -10.54
C ILE A 588 -3.98 16.52 -11.63
N GLN A 589 -4.84 17.37 -12.18
CA GLN A 589 -4.41 18.27 -13.24
C GLN A 589 -3.29 19.19 -12.75
N ALA A 590 -3.44 19.72 -11.53
CA ALA A 590 -2.45 20.63 -10.96
C ALA A 590 -1.11 19.91 -10.77
N ILE A 591 -1.15 18.67 -10.31
CA ILE A 591 0.08 17.91 -10.09
C ILE A 591 0.81 17.66 -11.41
N LYS A 592 0.09 17.22 -12.43
CA LYS A 592 0.69 16.93 -13.73
C LYS A 592 1.08 18.16 -14.54
N GLN A 593 0.13 19.08 -14.69
CA GLN A 593 0.32 20.28 -15.48
C GLN A 593 1.17 21.37 -14.84
N ASP A 594 0.87 21.72 -13.59
CA ASP A 594 1.60 22.77 -12.91
C ASP A 594 2.84 22.34 -12.13
N LEU A 595 2.78 21.17 -11.49
CA LEU A 595 3.94 20.68 -10.75
C LEU A 595 4.81 19.76 -11.61
N GLY A 596 4.26 19.34 -12.75
CA GLY A 596 5.01 18.49 -13.67
C GLY A 596 5.37 17.11 -13.20
N MET A 597 4.52 16.48 -12.38
CA MET A 597 4.79 15.13 -11.88
C MET A 597 3.67 14.15 -12.19
N ASN A 598 4.02 12.89 -12.43
CA ASN A 598 3.00 11.88 -12.70
C ASN A 598 2.34 11.55 -11.36
N VAL A 599 1.19 10.88 -11.39
CA VAL A 599 0.50 10.54 -10.16
C VAL A 599 0.30 9.03 -10.01
N ILE A 600 0.59 8.51 -8.82
CA ILE A 600 0.40 7.10 -8.50
C ILE A 600 -0.60 7.02 -7.35
N MET A 601 -1.53 6.07 -7.40
CA MET A 601 -2.50 5.91 -6.34
C MET A 601 -2.27 4.61 -5.56
N ASP A 602 -2.41 4.70 -4.25
CA ASP A 602 -2.28 3.53 -3.38
C ASP A 602 -3.67 2.88 -3.38
N VAL A 603 -3.73 1.58 -3.66
CA VAL A 603 -5.00 0.88 -3.66
C VAL A 603 -4.94 -0.25 -2.65
N VAL A 604 -6.08 -0.54 -2.03
CA VAL A 604 -6.18 -1.54 -0.98
C VAL A 604 -7.31 -2.53 -1.25
N TYR A 605 -7.12 -3.34 -2.30
CA TYR A 605 -8.13 -4.33 -2.69
C TYR A 605 -7.98 -5.64 -1.90
N ASN A 606 -6.94 -5.72 -1.08
CA ASN A 606 -6.68 -6.92 -0.29
C ASN A 606 -7.62 -7.14 0.90
N HIS A 607 -8.41 -6.12 1.25
CA HIS A 607 -9.37 -6.25 2.35
C HIS A 607 -10.44 -5.18 2.26
N THR A 608 -11.49 -5.37 3.06
CA THR A 608 -12.59 -4.42 3.16
C THR A 608 -12.56 -3.96 4.60
N ASN A 609 -13.20 -2.83 4.88
CA ASN A 609 -13.19 -2.29 6.25
C ASN A 609 -13.95 -3.15 7.23
N ALA A 610 -14.95 -3.87 6.74
CA ALA A 610 -15.76 -4.73 7.60
C ALA A 610 -16.56 -5.73 6.77
N ALA A 611 -17.13 -6.71 7.45
CA ALA A 611 -17.95 -7.73 6.82
C ALA A 611 -19.15 -7.95 7.72
N GLY A 612 -19.95 -8.97 7.42
CA GLY A 612 -21.11 -9.25 8.25
C GLY A 612 -22.35 -8.49 7.83
N PRO A 613 -23.52 -8.85 8.39
CA PRO A 613 -24.79 -8.20 8.07
C PRO A 613 -25.18 -6.99 8.91
N THR A 614 -24.28 -6.49 9.75
CA THR A 614 -24.65 -5.35 10.60
C THR A 614 -23.77 -4.10 10.54
N ASP A 615 -22.47 -4.27 10.33
CA ASP A 615 -21.57 -3.12 10.29
C ASP A 615 -21.92 -2.11 9.20
N ARG A 616 -21.86 -0.84 9.57
CA ARG A 616 -22.15 0.27 8.67
C ARG A 616 -21.33 0.19 7.38
N THR A 617 -20.04 -0.12 7.52
CA THR A 617 -19.13 -0.19 6.39
C THR A 617 -19.05 -1.52 5.64
N SER A 618 -19.85 -2.49 6.04
CA SER A 618 -19.86 -3.77 5.35
C SER A 618 -20.77 -3.59 4.13
N VAL A 619 -20.17 -3.56 2.95
CA VAL A 619 -20.94 -3.36 1.74
C VAL A 619 -21.03 -4.66 0.93
N LEU A 620 -19.89 -5.15 0.50
CA LEU A 620 -19.83 -6.36 -0.30
C LEU A 620 -20.34 -7.60 0.41
N ASP A 621 -20.06 -7.74 1.70
CA ASP A 621 -20.49 -8.93 2.43
C ASP A 621 -21.96 -8.92 2.82
N LYS A 622 -22.64 -7.81 2.56
CA LYS A 622 -24.08 -7.73 2.84
C LYS A 622 -24.83 -8.10 1.56
N ILE A 623 -24.26 -7.76 0.41
CA ILE A 623 -24.89 -8.02 -0.88
C ILE A 623 -24.73 -9.46 -1.38
N VAL A 624 -23.54 -10.02 -1.21
CA VAL A 624 -23.29 -11.40 -1.60
C VAL A 624 -22.49 -11.99 -0.44
N PRO A 625 -23.17 -12.37 0.65
CA PRO A 625 -22.55 -12.94 1.83
C PRO A 625 -21.57 -14.07 1.57
N TRP A 626 -20.46 -14.05 2.30
CA TRP A 626 -19.42 -15.06 2.23
C TRP A 626 -18.76 -15.27 0.87
N TYR A 627 -18.91 -14.31 -0.04
CA TYR A 627 -18.29 -14.46 -1.35
C TYR A 627 -17.06 -13.57 -1.55
N TYR A 628 -17.20 -12.28 -1.25
CA TYR A 628 -16.10 -11.34 -1.44
C TYR A 628 -14.99 -11.38 -0.38
N GLN A 629 -15.22 -12.14 0.70
CA GLN A 629 -14.26 -12.25 1.79
C GLN A 629 -13.60 -13.62 1.83
N ARG A 630 -12.33 -13.68 2.24
CA ARG A 630 -11.65 -14.97 2.34
C ARG A 630 -12.04 -15.49 3.71
N LEU A 631 -12.46 -16.75 3.79
CA LEU A 631 -12.89 -17.33 5.05
C LEU A 631 -12.04 -18.49 5.52
N ASN A 632 -12.04 -18.72 6.83
CA ASN A 632 -11.32 -19.85 7.42
C ASN A 632 -12.04 -21.11 6.91
N GLU A 633 -11.26 -22.10 6.49
CA GLU A 633 -11.83 -23.35 5.96
C GLU A 633 -12.72 -24.16 6.89
N THR A 634 -12.60 -23.95 8.19
CA THR A 634 -13.41 -24.73 9.14
C THR A 634 -14.53 -23.97 9.84
N THR A 635 -14.24 -22.73 10.24
CA THR A 635 -15.22 -21.92 10.95
C THR A 635 -16.08 -21.03 10.06
N GLY A 636 -15.56 -20.65 8.90
CA GLY A 636 -16.30 -19.78 8.00
C GLY A 636 -16.09 -18.33 8.37
N SER A 637 -15.28 -18.09 9.40
CA SER A 637 -15.02 -16.74 9.86
C SER A 637 -14.17 -15.95 8.85
N VAL A 638 -14.44 -14.67 8.72
CA VAL A 638 -13.68 -13.84 7.81
C VAL A 638 -12.28 -13.69 8.39
N GLU A 639 -11.27 -14.02 7.60
CA GLU A 639 -9.89 -13.93 8.06
C GLU A 639 -9.45 -12.47 8.18
N SER A 640 -8.43 -12.23 9.00
CA SER A 640 -7.95 -10.88 9.24
C SER A 640 -6.43 -10.76 9.19
N ALA A 641 -5.79 -11.60 8.38
CA ALA A 641 -4.34 -11.56 8.25
C ALA A 641 -3.88 -10.21 7.69
N THR A 642 -4.74 -9.56 6.91
CA THR A 642 -4.37 -8.26 6.34
C THR A 642 -4.39 -7.21 7.44
N CYS A 643 -5.27 -7.40 8.42
CA CYS A 643 -5.45 -6.49 9.54
C CYS A 643 -6.90 -6.47 9.90
N CYS A 644 -7.66 -6.43 8.83
CA CYS A 644 -9.08 -6.22 8.88
C CYS A 644 -9.93 -7.36 8.30
N SER A 645 -10.74 -7.08 7.28
CA SER A 645 -11.59 -8.10 6.68
C SER A 645 -10.99 -8.57 5.35
N ASP A 646 -10.23 -9.66 5.40
CA ASP A 646 -9.58 -10.21 4.21
C ASP A 646 -10.55 -10.44 3.06
N SER A 647 -10.20 -9.93 1.89
CA SER A 647 -11.02 -10.08 0.69
C SER A 647 -10.56 -11.32 -0.10
N ALA A 648 -11.35 -11.74 -1.07
CA ALA A 648 -11.01 -12.92 -1.88
C ALA A 648 -10.80 -12.61 -3.36
N PRO A 649 -9.63 -12.05 -3.71
CA PRO A 649 -9.31 -11.71 -5.11
C PRO A 649 -9.27 -12.94 -6.02
N GLU A 650 -9.19 -14.12 -5.42
CA GLU A 650 -9.14 -15.35 -6.21
C GLU A 650 -10.54 -15.72 -6.70
N HIS A 651 -11.55 -14.98 -6.24
CA HIS A 651 -12.91 -15.20 -6.68
C HIS A 651 -13.14 -14.31 -7.89
N ARG A 652 -13.66 -14.90 -8.96
CA ARG A 652 -13.89 -14.22 -10.22
C ARG A 652 -14.59 -12.86 -10.21
N MET A 653 -15.69 -12.73 -9.47
CA MET A 653 -16.38 -11.45 -9.47
C MET A 653 -15.70 -10.35 -8.65
N PHE A 654 -14.78 -10.73 -7.77
CA PHE A 654 -14.06 -9.70 -7.04
C PHE A 654 -12.91 -9.27 -7.93
N ALA A 655 -12.30 -10.23 -8.62
CA ALA A 655 -11.20 -9.91 -9.53
C ALA A 655 -11.75 -8.92 -10.57
N LYS A 656 -12.98 -9.15 -11.03
CA LYS A 656 -13.60 -8.26 -12.01
C LYS A 656 -13.86 -6.89 -11.42
N LEU A 657 -14.31 -6.85 -10.17
CA LEU A 657 -14.60 -5.57 -9.51
C LEU A 657 -13.31 -4.78 -9.43
N ILE A 658 -12.22 -5.46 -9.09
CA ILE A 658 -10.93 -4.80 -8.98
C ILE A 658 -10.52 -4.20 -10.33
N ALA A 659 -10.59 -5.01 -11.38
CA ALA A 659 -10.20 -4.55 -12.71
C ALA A 659 -11.10 -3.42 -13.21
N ASP A 660 -12.41 -3.54 -12.98
CA ASP A 660 -13.34 -2.49 -13.40
C ASP A 660 -13.04 -1.19 -12.66
N SER A 661 -12.69 -1.32 -11.38
CA SER A 661 -12.37 -0.16 -10.56
C SER A 661 -11.11 0.53 -11.08
N LEU A 662 -10.08 -0.26 -11.34
CA LEU A 662 -8.84 0.31 -11.84
C LEU A 662 -9.05 0.99 -13.19
N ALA A 663 -10.00 0.47 -13.97
CA ALA A 663 -10.31 1.05 -15.28
C ALA A 663 -10.82 2.49 -15.12
N VAL A 664 -11.67 2.72 -14.13
CA VAL A 664 -12.20 4.06 -13.90
C VAL A 664 -11.10 5.01 -13.43
N TRP A 665 -10.31 4.59 -12.45
CA TRP A 665 -9.24 5.46 -11.96
C TRP A 665 -8.27 5.81 -13.09
N THR A 666 -8.05 4.86 -14.01
CA THR A 666 -7.15 5.08 -15.13
C THR A 666 -7.76 6.03 -16.16
N THR A 667 -8.90 5.63 -16.70
CA THR A 667 -9.60 6.40 -17.73
C THR A 667 -10.22 7.72 -17.27
N ASP A 668 -11.04 7.67 -16.23
CA ASP A 668 -11.72 8.85 -15.76
C ASP A 668 -10.94 9.80 -14.85
N TYR A 669 -9.92 9.29 -14.17
CA TYR A 669 -9.13 10.14 -13.28
C TYR A 669 -7.68 10.31 -13.74
N LYS A 670 -7.36 9.69 -14.87
CA LYS A 670 -6.02 9.78 -15.45
C LYS A 670 -4.86 9.49 -14.48
N ILE A 671 -5.01 8.43 -13.68
CA ILE A 671 -3.96 8.03 -12.76
C ILE A 671 -2.92 7.28 -13.60
N ASP A 672 -1.65 7.56 -13.36
CA ASP A 672 -0.55 6.96 -14.13
C ASP A 672 -0.02 5.62 -13.64
N GLY A 673 -0.27 5.30 -12.38
CA GLY A 673 0.23 4.05 -11.84
C GLY A 673 -0.47 3.68 -10.55
N PHE A 674 -0.39 2.42 -10.18
CA PHE A 674 -1.04 1.96 -8.97
C PHE A 674 -0.11 1.14 -8.11
N ARG A 675 -0.18 1.38 -6.81
CA ARG A 675 0.64 0.67 -5.86
C ARG A 675 -0.31 -0.20 -5.04
N PHE A 676 -0.18 -1.51 -5.21
CA PHE A 676 -1.06 -2.43 -4.49
C PHE A 676 -0.59 -2.71 -3.06
N ASP A 677 -1.47 -2.43 -2.09
CA ASP A 677 -1.18 -2.69 -0.69
C ASP A 677 -1.26 -4.22 -0.55
N LEU A 678 -0.34 -4.80 0.20
CA LEU A 678 -0.31 -6.25 0.41
C LEU A 678 -0.64 -7.00 -0.88
N MET A 679 0.13 -6.73 -1.92
CA MET A 679 -0.09 -7.36 -3.22
C MET A 679 0.05 -8.89 -3.20
N LEU A 680 0.81 -9.42 -2.25
CA LEU A 680 1.01 -10.86 -2.16
C LEU A 680 -0.22 -11.62 -1.65
N TYR A 681 -1.27 -10.89 -1.27
CA TYR A 681 -2.51 -11.53 -0.85
C TYR A 681 -3.39 -11.71 -2.08
N HIS A 682 -2.85 -11.29 -3.22
CA HIS A 682 -3.51 -11.40 -4.51
C HIS A 682 -2.87 -12.49 -5.35
N PRO A 683 -3.68 -13.25 -6.09
CA PRO A 683 -3.10 -14.31 -6.93
C PRO A 683 -2.27 -13.60 -8.02
N LYS A 684 -1.11 -14.16 -8.35
CA LYS A 684 -0.27 -13.58 -9.40
C LYS A 684 -1.10 -13.46 -10.69
N ALA A 685 -1.90 -14.49 -10.96
CA ALA A 685 -2.74 -14.50 -12.15
C ALA A 685 -3.73 -13.33 -12.20
N GLN A 686 -4.29 -12.97 -11.05
CA GLN A 686 -5.25 -11.88 -10.99
C GLN A 686 -4.60 -10.52 -11.24
N ILE A 687 -3.45 -10.27 -10.62
CA ILE A 687 -2.73 -9.02 -10.82
C ILE A 687 -2.37 -8.87 -12.29
N LEU A 688 -1.85 -9.95 -12.89
CA LEU A 688 -1.46 -9.91 -14.29
C LEU A 688 -2.65 -9.71 -15.22
N SER A 689 -3.77 -10.35 -14.90
CA SER A 689 -4.97 -10.20 -15.71
C SER A 689 -5.42 -8.74 -15.66
N ALA A 690 -5.43 -8.17 -14.45
CA ALA A 690 -5.82 -6.77 -14.27
C ALA A 690 -4.93 -5.85 -15.12
N TRP A 691 -3.63 -6.10 -15.07
CA TRP A 691 -2.69 -5.27 -15.83
C TRP A 691 -2.97 -5.35 -17.32
N GLU A 692 -3.27 -6.56 -17.80
CA GLU A 692 -3.57 -6.77 -19.21
C GLU A 692 -4.79 -5.96 -19.64
N ARG A 693 -5.79 -5.89 -18.77
CA ARG A 693 -7.00 -5.14 -19.06
C ARG A 693 -6.74 -3.64 -19.06
N ILE A 694 -5.93 -3.19 -18.11
CA ILE A 694 -5.62 -1.77 -18.01
C ILE A 694 -4.70 -1.30 -19.12
N LYS A 695 -3.74 -2.14 -19.52
CA LYS A 695 -2.84 -1.76 -20.60
C LYS A 695 -3.63 -1.49 -21.88
N ALA A 696 -4.80 -2.11 -22.00
CA ALA A 696 -5.66 -1.88 -23.17
C ALA A 696 -6.18 -0.45 -23.14
N LEU A 697 -6.39 0.07 -21.92
CA LEU A 697 -6.89 1.44 -21.76
C LEU A 697 -5.74 2.44 -21.82
N ASN A 698 -4.63 2.10 -21.17
CA ASN A 698 -3.45 2.96 -21.13
C ASN A 698 -2.23 2.03 -21.21
N PRO A 699 -1.65 1.88 -22.40
CA PRO A 699 -0.48 1.02 -22.61
C PRO A 699 0.73 1.25 -21.70
N ASP A 700 0.85 2.46 -21.15
CA ASP A 700 1.99 2.79 -20.30
C ASP A 700 1.74 2.76 -18.79
N ILE A 701 0.58 2.26 -18.38
CA ILE A 701 0.26 2.19 -16.94
C ILE A 701 1.25 1.28 -16.23
N TYR A 702 1.63 1.65 -15.00
CA TYR A 702 2.57 0.85 -14.23
C TYR A 702 1.94 0.31 -12.95
N PHE A 703 2.17 -0.98 -12.70
CA PHE A 703 1.65 -1.66 -11.51
C PHE A 703 2.83 -2.09 -10.64
N PHE A 704 2.69 -1.92 -9.32
CA PHE A 704 3.70 -2.40 -8.40
C PHE A 704 3.04 -2.55 -7.04
N GLY A 705 3.70 -3.27 -6.13
CA GLY A 705 3.11 -3.46 -4.82
C GLY A 705 4.11 -3.92 -3.77
N GLU A 706 3.59 -4.21 -2.58
CA GLU A 706 4.41 -4.65 -1.47
C GLU A 706 3.72 -5.68 -0.60
N GLY A 707 4.40 -6.11 0.47
CA GLY A 707 3.84 -7.08 1.38
C GLY A 707 4.94 -7.95 1.95
N TRP A 708 5.12 -9.12 1.35
CA TRP A 708 6.16 -10.08 1.71
C TRP A 708 5.88 -11.01 2.90
N ASP A 709 4.62 -11.09 3.35
CA ASP A 709 4.25 -11.96 4.46
C ASP A 709 2.92 -12.67 4.23
N SER A 710 2.56 -12.82 2.96
CA SER A 710 1.29 -13.43 2.54
C SER A 710 0.77 -14.66 3.28
N ASN A 711 1.38 -15.82 3.01
CA ASN A 711 0.97 -17.08 3.63
C ASN A 711 -0.21 -17.70 2.87
N GLN A 712 -0.51 -17.19 1.69
CA GLN A 712 -1.63 -17.72 0.91
C GLN A 712 -1.22 -18.72 -0.17
N SER A 713 0.07 -19.05 -0.22
CA SER A 713 0.59 -19.99 -1.23
C SER A 713 -0.19 -21.29 -1.32
N ASP A 714 -0.76 -21.73 -0.20
CA ASP A 714 -1.53 -22.97 -0.19
C ASP A 714 -2.79 -22.87 -1.03
N ARG A 715 -3.29 -21.66 -1.23
CA ARG A 715 -4.51 -21.47 -2.00
C ARG A 715 -4.32 -21.15 -3.47
N PHE A 716 -3.23 -20.46 -3.79
CA PHE A 716 -2.95 -20.07 -5.18
C PHE A 716 -1.53 -19.51 -5.27
N GLU A 717 -1.00 -19.37 -6.49
CA GLU A 717 0.34 -18.81 -6.65
C GLU A 717 0.18 -17.32 -6.35
N ILE A 718 0.86 -16.86 -5.30
CA ILE A 718 0.77 -15.46 -4.89
C ILE A 718 1.63 -14.49 -5.68
N ALA A 719 1.21 -13.22 -5.68
CA ALA A 719 1.94 -12.17 -6.39
C ALA A 719 3.05 -11.69 -5.45
N SER A 720 4.13 -12.45 -5.39
CA SER A 720 5.28 -12.13 -4.54
C SER A 720 6.46 -11.65 -5.36
N GLN A 721 7.50 -11.20 -4.65
CA GLN A 721 8.71 -10.73 -5.30
C GLN A 721 9.31 -11.76 -6.25
N ILE A 722 9.41 -13.01 -5.80
CA ILE A 722 10.00 -14.03 -6.64
C ILE A 722 9.06 -14.51 -7.75
N ASN A 723 7.78 -14.67 -7.45
CA ASN A 723 6.84 -15.14 -8.48
C ASN A 723 6.59 -14.11 -9.58
N LEU A 724 6.86 -12.83 -9.28
CA LEU A 724 6.66 -11.77 -10.26
C LEU A 724 7.91 -11.46 -11.09
N LYS A 725 8.97 -12.23 -10.86
CA LYS A 725 10.20 -12.01 -11.62
C LYS A 725 9.93 -12.05 -13.12
N GLY A 726 10.43 -11.03 -13.82
CA GLY A 726 10.25 -10.97 -15.26
C GLY A 726 8.88 -10.60 -15.80
N THR A 727 7.92 -10.33 -14.91
CA THR A 727 6.58 -9.99 -15.37
C THR A 727 6.40 -8.51 -15.67
N GLY A 728 7.30 -7.67 -15.16
CA GLY A 728 7.18 -6.24 -15.40
C GLY A 728 6.45 -5.56 -14.25
N ILE A 729 5.89 -6.36 -13.34
CA ILE A 729 5.18 -5.82 -12.18
C ILE A 729 6.23 -5.49 -11.13
N GLY A 730 6.27 -4.22 -10.69
CA GLY A 730 7.26 -3.84 -9.69
C GLY A 730 6.91 -4.28 -8.28
N THR A 731 7.93 -4.40 -7.44
CA THR A 731 7.75 -4.76 -6.04
C THR A 731 8.76 -4.00 -5.19
N PHE A 732 8.31 -3.51 -4.03
CA PHE A 732 9.19 -2.79 -3.13
C PHE A 732 10.24 -3.77 -2.64
N SER A 733 11.51 -3.37 -2.68
CA SER A 733 12.57 -4.24 -2.20
C SER A 733 12.91 -3.86 -0.77
N ASP A 734 12.91 -4.86 0.11
CA ASP A 734 13.24 -4.64 1.51
C ASP A 734 14.71 -4.92 1.78
N ARG A 735 15.43 -5.36 0.74
CA ARG A 735 16.85 -5.68 0.85
C ARG A 735 17.74 -4.48 1.17
N LEU A 736 17.83 -3.54 0.23
CA LEU A 736 18.65 -2.36 0.44
C LEU A 736 18.06 -1.53 1.59
N ARG A 737 16.73 -1.55 1.69
CA ARG A 737 16.02 -0.83 2.76
C ARG A 737 16.59 -1.19 4.12
N ASP A 738 16.56 -2.48 4.44
CA ASP A 738 17.07 -2.98 5.71
C ASP A 738 18.59 -2.80 5.88
N ALA A 739 19.35 -3.00 4.81
CA ALA A 739 20.80 -2.89 4.89
C ALA A 739 21.27 -1.47 5.21
N VAL A 740 20.60 -0.48 4.62
CA VAL A 740 20.95 0.92 4.83
C VAL A 740 20.33 1.48 6.12
N ARG A 741 19.07 1.19 6.35
CA ARG A 741 18.38 1.64 7.58
C ARG A 741 18.93 0.88 8.78
N GLY A 742 19.15 -0.41 8.58
CA GLY A 742 19.64 -1.26 9.65
C GLY A 742 18.49 -1.97 10.33
N GLY A 743 18.73 -3.21 10.77
CA GLY A 743 17.69 -3.96 11.47
C GLY A 743 16.49 -4.35 10.60
N GLY A 744 15.34 -4.46 11.25
CA GLY A 744 14.12 -4.83 10.55
C GLY A 744 12.90 -4.22 11.21
N PRO A 745 11.73 -4.25 10.53
CA PRO A 745 10.47 -3.69 11.04
C PRO A 745 9.97 -4.25 12.36
N PHE A 746 10.42 -5.46 12.72
CA PHE A 746 10.00 -6.09 13.97
C PHE A 746 10.83 -5.73 15.20
N ASP A 747 11.93 -5.01 15.00
CA ASP A 747 12.79 -4.66 16.13
C ASP A 747 12.09 -3.78 17.17
N SER A 748 12.44 -4.01 18.43
CA SER A 748 11.89 -3.23 19.54
C SER A 748 12.95 -3.10 20.63
N GLY A 749 12.75 -2.16 21.54
CA GLY A 749 13.72 -1.97 22.61
C GLY A 749 15.13 -1.71 22.13
N ASP A 750 16.11 -2.32 22.80
CA ASP A 750 17.51 -2.13 22.46
C ASP A 750 17.91 -2.48 21.03
N ALA A 751 17.23 -3.45 20.44
CA ALA A 751 17.54 -3.86 19.06
C ALA A 751 17.44 -2.68 18.11
N LEU A 752 16.54 -1.74 18.42
CA LEU A 752 16.35 -0.56 17.58
C LEU A 752 17.64 0.24 17.49
N ARG A 753 18.41 0.26 18.57
CA ARG A 753 19.68 0.99 18.57
C ARG A 753 20.84 0.10 18.16
N GLN A 754 20.81 -1.15 18.60
CA GLN A 754 21.88 -2.10 18.28
C GLN A 754 22.02 -2.39 16.79
N ASN A 755 20.90 -2.49 16.09
CA ASN A 755 20.95 -2.82 14.67
C ASN A 755 21.21 -1.64 13.73
N GLN A 756 22.44 -1.14 13.74
CA GLN A 756 22.84 -0.04 12.88
C GLN A 756 22.85 -0.50 11.42
N GLY A 757 22.76 0.46 10.50
CA GLY A 757 22.77 0.13 9.08
C GLY A 757 23.93 0.80 8.40
N VAL A 758 24.09 0.58 7.09
CA VAL A 758 25.19 1.20 6.37
C VAL A 758 25.07 2.72 6.49
N GLY A 759 23.84 3.21 6.49
CA GLY A 759 23.62 4.65 6.57
C GLY A 759 23.86 5.25 7.95
N SER A 760 23.94 4.40 8.97
CA SER A 760 24.15 4.89 10.33
C SER A 760 25.47 4.44 10.96
N GLY A 761 26.40 4.01 10.11
CA GLY A 761 27.71 3.61 10.60
C GLY A 761 27.99 2.20 11.06
N ALA A 762 27.17 1.24 10.62
CA ALA A 762 27.40 -0.15 11.00
C ALA A 762 28.88 -0.52 10.85
N GLY A 763 29.48 -0.99 11.94
CA GLY A 763 30.88 -1.38 11.91
C GLY A 763 31.91 -0.26 12.01
N VAL A 764 31.75 0.78 11.21
CA VAL A 764 32.70 1.88 11.19
C VAL A 764 32.53 2.96 12.26
N LEU A 765 31.30 3.11 12.77
CA LEU A 765 31.04 4.10 13.80
C LEU A 765 29.99 3.51 14.73
N PRO A 766 30.36 2.44 15.45
CA PRO A 766 29.47 1.74 16.37
C PRO A 766 29.00 2.55 17.57
N ASN A 767 27.75 2.33 17.96
CA ASN A 767 27.21 3.01 19.13
C ASN A 767 27.62 2.14 20.32
N GLU A 768 27.23 2.52 21.53
CA GLU A 768 27.63 1.78 22.72
C GLU A 768 26.96 0.44 22.98
N LEU A 769 25.89 0.14 22.24
CA LEU A 769 25.16 -1.11 22.46
C LEU A 769 25.38 -2.18 21.40
N THR A 770 25.59 -1.77 20.17
CA THR A 770 25.76 -2.71 19.07
C THR A 770 26.83 -3.77 19.26
N THR A 771 26.64 -4.90 18.59
CA THR A 771 27.57 -6.02 18.64
C THR A 771 27.90 -6.42 17.21
N LEU A 772 27.47 -5.61 16.25
CA LEU A 772 27.72 -5.88 14.84
C LEU A 772 29.19 -6.07 14.52
N SER A 773 29.50 -7.15 13.81
CA SER A 773 30.89 -7.44 13.44
C SER A 773 31.17 -6.80 12.09
N ASP A 774 32.45 -6.71 11.73
CA ASP A 774 32.83 -6.13 10.45
C ASP A 774 32.31 -7.00 9.30
N ASP A 775 32.12 -8.28 9.58
CA ASP A 775 31.62 -9.20 8.57
C ASP A 775 30.12 -8.98 8.35
N GLN A 776 29.42 -8.70 9.44
CA GLN A 776 27.98 -8.45 9.34
C GLN A 776 27.77 -7.11 8.64
N ALA A 777 28.66 -6.16 8.89
CA ALA A 777 28.57 -4.85 8.27
C ALA A 777 28.86 -4.95 6.77
N ARG A 778 29.85 -5.76 6.40
CA ARG A 778 30.20 -5.90 4.99
C ARG A 778 29.12 -6.65 4.22
N HIS A 779 28.34 -7.47 4.92
CA HIS A 779 27.24 -8.20 4.29
C HIS A 779 26.15 -7.20 3.91
N LEU A 780 25.91 -6.24 4.79
CA LEU A 780 24.89 -5.22 4.53
C LEU A 780 25.32 -4.43 3.30
N ALA A 781 26.63 -4.21 3.17
CA ALA A 781 27.17 -3.46 2.04
C ALA A 781 26.95 -4.26 0.76
N ASP A 782 26.99 -5.59 0.87
CA ASP A 782 26.77 -6.45 -0.28
C ASP A 782 25.32 -6.29 -0.75
N LEU A 783 24.39 -6.33 0.20
CA LEU A 783 22.97 -6.18 -0.10
C LEU A 783 22.72 -4.79 -0.68
N THR A 784 23.44 -3.78 -0.16
CA THR A 784 23.29 -2.40 -0.64
C THR A 784 23.79 -2.25 -2.08
N ARG A 785 24.99 -2.76 -2.37
CA ARG A 785 25.53 -2.69 -3.72
C ARG A 785 24.62 -3.44 -4.69
N LEU A 786 24.18 -4.63 -4.29
CA LEU A 786 23.30 -5.42 -5.13
C LEU A 786 22.03 -4.60 -5.44
N GLY A 787 21.53 -3.89 -4.43
CA GLY A 787 20.33 -3.09 -4.61
C GLY A 787 20.57 -1.89 -5.53
N MET A 788 21.75 -1.29 -5.43
CA MET A 788 22.09 -0.14 -6.27
C MET A 788 22.20 -0.57 -7.73
N ALA A 789 22.36 -1.87 -7.93
CA ALA A 789 22.45 -2.43 -9.28
C ALA A 789 21.11 -3.02 -9.70
N GLY A 790 20.05 -2.68 -8.95
CA GLY A 790 18.73 -3.16 -9.30
C GLY A 790 18.24 -4.43 -8.63
N ASN A 791 19.01 -4.95 -7.69
CA ASN A 791 18.66 -6.18 -6.98
C ASN A 791 18.27 -7.27 -7.97
N LEU A 792 19.11 -7.48 -8.97
CA LEU A 792 18.90 -8.50 -9.99
C LEU A 792 19.35 -9.86 -9.49
N ALA A 793 18.62 -10.90 -9.88
CA ALA A 793 18.96 -12.26 -9.48
C ALA A 793 20.25 -12.73 -10.16
N ASP A 794 20.45 -12.29 -11.40
CA ASP A 794 21.63 -12.68 -12.17
C ASP A 794 22.80 -11.69 -12.22
N PHE A 795 22.72 -10.61 -11.44
CA PHE A 795 23.83 -9.66 -11.43
C PHE A 795 25.01 -10.30 -10.73
N VAL A 796 26.20 -10.12 -11.29
CA VAL A 796 27.42 -10.71 -10.74
C VAL A 796 28.32 -9.70 -10.02
N LEU A 797 28.61 -9.99 -8.75
CA LEU A 797 29.46 -9.12 -7.94
C LEU A 797 30.39 -9.94 -7.07
N ILE A 798 31.38 -9.26 -6.49
CA ILE A 798 32.34 -9.89 -5.59
C ILE A 798 31.84 -9.58 -4.17
N ASP A 799 31.52 -10.63 -3.40
CA ASP A 799 31.00 -10.41 -2.06
C ASP A 799 32.07 -10.10 -1.02
N LYS A 800 31.63 -9.93 0.23
CA LYS A 800 32.50 -9.58 1.35
C LYS A 800 33.68 -10.52 1.56
N ASP A 801 33.60 -11.74 1.03
CA ASP A 801 34.70 -12.69 1.19
C ASP A 801 35.51 -12.85 -0.09
N GLY A 802 35.27 -11.96 -1.05
CA GLY A 802 36.00 -12.02 -2.31
C GLY A 802 35.44 -13.11 -3.21
N ALA A 803 34.33 -13.71 -2.83
CA ALA A 803 33.72 -14.77 -3.62
C ALA A 803 32.85 -14.20 -4.73
N VAL A 804 32.88 -14.83 -5.90
CA VAL A 804 32.08 -14.39 -7.03
C VAL A 804 30.65 -14.89 -6.80
N LYS A 805 29.69 -13.97 -6.71
CA LYS A 805 28.31 -14.35 -6.46
C LYS A 805 27.29 -13.66 -7.36
N ARG A 806 26.19 -14.36 -7.63
CA ARG A 806 25.09 -13.79 -8.41
C ARG A 806 24.17 -13.18 -7.36
N GLY A 807 23.36 -12.20 -7.74
CA GLY A 807 22.47 -11.56 -6.80
C GLY A 807 21.62 -12.54 -6.01
N SER A 808 21.12 -13.57 -6.67
CA SER A 808 20.30 -14.58 -6.02
C SER A 808 21.06 -15.36 -4.94
N GLU A 809 22.39 -15.31 -5.01
CA GLU A 809 23.20 -16.03 -4.04
C GLU A 809 23.47 -15.25 -2.75
N ILE A 810 23.28 -13.94 -2.79
CA ILE A 810 23.49 -13.10 -1.60
C ILE A 810 22.28 -13.30 -0.69
N ASP A 811 22.54 -13.86 0.49
CA ASP A 811 21.46 -14.12 1.43
C ASP A 811 20.79 -12.92 2.08
N TYR A 812 19.47 -13.02 2.21
CA TYR A 812 18.67 -11.98 2.85
C TYR A 812 17.78 -12.73 3.84
N ASN A 813 18.23 -12.81 5.08
CA ASN A 813 17.49 -13.48 6.14
C ASN A 813 16.93 -14.85 5.73
N GLY A 814 17.71 -15.62 4.98
CA GLY A 814 17.26 -16.93 4.55
C GLY A 814 16.66 -17.00 3.16
N ALA A 815 16.58 -15.85 2.49
CA ALA A 815 16.02 -15.81 1.15
C ALA A 815 17.04 -15.27 0.16
N PRO A 816 16.94 -15.69 -1.11
CA PRO A 816 17.90 -15.18 -2.10
C PRO A 816 17.70 -13.67 -2.24
N GLY A 817 18.76 -12.91 -2.02
CA GLY A 817 18.68 -11.46 -2.09
C GLY A 817 18.14 -10.88 -3.38
N GLY A 818 18.90 -11.03 -4.46
CA GLY A 818 18.47 -10.52 -5.75
C GLY A 818 17.41 -11.40 -6.37
N TYR A 819 16.26 -10.81 -6.71
CA TYR A 819 15.16 -11.59 -7.27
C TYR A 819 14.60 -11.13 -8.61
N ALA A 820 14.95 -9.92 -9.03
CA ALA A 820 14.42 -9.35 -10.26
C ALA A 820 15.14 -9.67 -11.56
N ALA A 821 14.43 -9.47 -12.66
CA ALA A 821 14.95 -9.70 -14.00
C ALA A 821 15.41 -8.35 -14.56
N ASP A 822 14.69 -7.30 -14.18
CA ASP A 822 15.00 -5.94 -14.61
C ASP A 822 14.91 -4.98 -13.43
N PRO A 823 15.75 -3.93 -13.42
CA PRO A 823 15.73 -2.97 -12.32
C PRO A 823 14.38 -2.26 -12.15
N THR A 824 13.56 -2.31 -13.20
CA THR A 824 12.26 -1.67 -13.16
C THR A 824 11.23 -2.50 -12.38
N GLU A 825 11.63 -3.71 -11.98
CA GLU A 825 10.75 -4.59 -11.21
C GLU A 825 11.08 -4.43 -9.73
N VAL A 826 12.00 -3.51 -9.43
CA VAL A 826 12.44 -3.26 -8.06
C VAL A 826 12.33 -1.80 -7.66
N VAL A 827 11.68 -1.55 -6.53
CA VAL A 827 11.53 -0.19 -6.01
C VAL A 827 12.35 -0.11 -4.72
N ASN A 828 13.43 0.68 -4.75
CA ASN A 828 14.28 0.85 -3.58
C ASN A 828 13.81 2.02 -2.73
N TYR A 829 14.05 1.95 -1.43
CA TYR A 829 13.64 3.01 -0.53
C TYR A 829 14.23 2.80 0.86
N VAL A 830 14.39 3.89 1.61
CA VAL A 830 14.92 3.80 2.96
C VAL A 830 13.95 4.47 3.95
N SER A 831 12.80 4.90 3.44
CA SER A 831 11.79 5.52 4.29
C SER A 831 10.45 5.42 3.57
N LYS A 832 9.37 5.25 4.34
CA LYS A 832 8.02 5.11 3.79
C LYS A 832 7.03 5.47 4.91
N HIS A 833 5.74 5.59 4.59
CA HIS A 833 4.77 5.96 5.60
C HIS A 833 4.73 5.00 6.80
N ASP A 834 4.84 3.70 6.55
CA ASP A 834 4.83 2.73 7.63
C ASP A 834 6.23 2.53 8.22
N ASN A 835 6.27 2.28 9.52
CA ASN A 835 7.52 2.12 10.27
C ASN A 835 8.16 3.48 10.48
N GLN A 836 9.19 3.53 11.33
CA GLN A 836 9.86 4.78 11.67
C GLN A 836 10.46 5.50 10.49
N THR A 837 10.42 6.84 10.53
CA THR A 837 11.00 7.63 9.46
C THR A 837 12.51 7.41 9.47
N LEU A 838 13.17 7.73 8.37
CA LEU A 838 14.61 7.58 8.31
C LEU A 838 15.28 8.30 9.47
N TRP A 839 14.95 9.58 9.66
CA TRP A 839 15.56 10.36 10.74
C TRP A 839 15.41 9.75 12.13
N ASP A 840 14.25 9.17 12.41
CA ASP A 840 14.04 8.57 13.72
C ASP A 840 14.89 7.30 13.90
N MET A 841 15.14 6.59 12.81
CA MET A 841 15.96 5.38 12.86
C MET A 841 17.42 5.78 13.06
N ILE A 842 17.84 6.87 12.41
CA ILE A 842 19.22 7.30 12.57
C ILE A 842 19.41 7.82 14.00
N SER A 843 18.35 8.39 14.57
CA SER A 843 18.42 8.91 15.93
C SER A 843 18.51 7.76 16.92
N TYR A 844 17.89 6.63 16.56
CA TYR A 844 17.93 5.43 17.39
C TYR A 844 19.28 4.75 17.30
N LYS A 845 19.88 4.82 16.11
CA LYS A 845 21.13 4.12 15.83
C LYS A 845 22.46 4.86 15.86
N ALA A 846 22.45 6.16 15.60
CA ALA A 846 23.69 6.93 15.57
C ALA A 846 24.48 6.90 16.86
N ALA A 847 25.79 6.76 16.74
CA ALA A 847 26.68 6.76 17.89
C ALA A 847 26.54 8.11 18.57
N GLN A 848 26.72 8.12 19.88
CA GLN A 848 26.62 9.37 20.64
C GLN A 848 27.50 10.48 20.10
N GLU A 849 28.71 10.13 19.64
CA GLU A 849 29.64 11.15 19.13
C GLU A 849 29.34 11.67 17.73
N ALA A 850 28.36 11.08 17.04
CA ALA A 850 28.01 11.56 15.71
C ALA A 850 27.23 12.86 15.92
N ASP A 851 27.83 14.00 15.55
CA ASP A 851 27.15 15.28 15.76
C ASP A 851 25.99 15.54 14.80
N LEU A 852 25.25 16.61 15.06
CA LEU A 852 24.08 16.94 14.25
C LEU A 852 24.38 17.03 12.75
N ASP A 853 25.48 17.68 12.39
CA ASP A 853 25.86 17.81 10.99
C ASP A 853 26.13 16.45 10.37
N THR A 854 26.70 15.55 11.16
CA THR A 854 27.01 14.21 10.68
C THR A 854 25.74 13.40 10.44
N ARG A 855 24.74 13.59 11.30
CA ARG A 855 23.48 12.87 11.16
C ARG A 855 22.72 13.31 9.93
N VAL A 856 22.86 14.58 9.58
CA VAL A 856 22.20 15.09 8.39
C VAL A 856 22.86 14.43 7.18
N ARG A 857 24.18 14.31 7.20
CA ARG A 857 24.90 13.66 6.11
C ARG A 857 24.56 12.17 6.07
N MET A 858 24.30 11.58 7.23
CA MET A 858 23.93 10.17 7.26
C MET A 858 22.59 10.02 6.54
N GLN A 859 21.70 10.98 6.75
CA GLN A 859 20.39 10.96 6.09
C GLN A 859 20.61 11.04 4.57
N ALA A 860 21.48 11.94 4.15
CA ALA A 860 21.76 12.13 2.72
C ALA A 860 22.45 10.92 2.10
N VAL A 861 23.37 10.31 2.85
CA VAL A 861 24.08 9.14 2.37
C VAL A 861 23.14 7.94 2.25
N SER A 862 22.21 7.82 3.18
CA SER A 862 21.23 6.74 3.15
C SER A 862 20.38 6.89 1.88
N LEU A 863 19.90 8.12 1.65
CA LEU A 863 19.08 8.40 0.48
C LEU A 863 19.88 8.30 -0.82
N ALA A 864 21.19 8.53 -0.75
CA ALA A 864 22.03 8.44 -1.94
C ALA A 864 22.04 7.03 -2.54
N THR A 865 21.95 6.01 -1.69
CA THR A 865 21.96 4.64 -2.18
C THR A 865 20.72 4.35 -3.01
N VAL A 866 19.64 5.07 -2.71
CA VAL A 866 18.39 4.89 -3.44
C VAL A 866 18.38 5.75 -4.71
N MET A 867 18.62 7.06 -4.54
CA MET A 867 18.63 7.99 -5.67
C MET A 867 19.65 7.70 -6.76
N LEU A 868 20.84 7.27 -6.38
CA LEU A 868 21.89 6.97 -7.36
C LEU A 868 21.91 5.51 -7.81
N GLY A 869 20.87 4.77 -7.45
CA GLY A 869 20.76 3.36 -7.82
C GLY A 869 19.96 3.12 -9.09
N GLN A 870 20.04 1.90 -9.61
CA GLN A 870 19.35 1.53 -10.84
C GLN A 870 17.88 1.18 -10.64
N GLY A 871 17.52 0.76 -9.43
CA GLY A 871 16.13 0.45 -9.18
C GLY A 871 15.32 1.74 -9.17
N ILE A 872 14.00 1.61 -9.23
CA ILE A 872 13.14 2.79 -9.19
C ILE A 872 13.32 3.39 -7.79
N ALA A 873 13.45 4.71 -7.73
CA ALA A 873 13.67 5.40 -6.47
C ALA A 873 12.37 5.80 -5.82
N PHE A 874 12.22 5.46 -4.53
CA PHE A 874 11.00 5.79 -3.78
C PHE A 874 11.37 6.39 -2.43
N ASP A 875 10.63 7.40 -2.00
CA ASP A 875 10.91 8.05 -0.73
C ASP A 875 9.66 8.64 -0.08
N GLN A 876 9.71 8.78 1.23
CA GLN A 876 8.61 9.32 1.99
C GLN A 876 8.60 10.85 1.94
N GLN A 877 7.41 11.42 1.91
CA GLN A 877 7.24 12.87 1.89
C GLN A 877 7.96 13.40 3.14
N GLY A 878 8.88 14.34 2.95
CA GLY A 878 9.57 14.88 4.10
C GLY A 878 10.98 14.39 4.39
N SER A 879 11.44 13.35 3.72
CA SER A 879 12.80 12.87 3.99
C SER A 879 13.78 14.00 3.73
N GLU A 880 13.45 14.86 2.77
CA GLU A 880 14.31 15.98 2.43
C GLU A 880 14.28 17.01 3.55
N LEU A 881 13.35 16.82 4.49
CA LEU A 881 13.22 17.71 5.64
C LEU A 881 13.56 16.99 6.95
N LEU A 882 14.27 15.86 6.83
CA LEU A 882 14.67 15.10 8.01
C LEU A 882 13.44 14.79 8.87
N ARG A 883 12.33 14.54 8.19
CA ARG A 883 11.05 14.27 8.84
C ARG A 883 11.10 13.30 10.00
N SER A 884 10.43 13.70 11.09
CA SER A 884 10.34 12.89 12.29
C SER A 884 8.89 12.73 12.71
N LYS A 885 8.59 11.64 13.40
CA LYS A 885 7.26 11.41 13.90
C LYS A 885 7.39 11.24 15.42
N SER A 886 8.47 11.78 15.96
CA SER A 886 8.74 11.72 17.40
C SER A 886 8.88 10.26 17.82
N PHE A 887 9.48 9.47 16.93
CA PHE A 887 9.71 8.04 17.12
C PHE A 887 8.50 7.12 16.92
N THR A 888 7.36 7.69 16.51
CA THR A 888 6.16 6.88 16.28
C THR A 888 6.49 5.87 15.17
N ARG A 889 6.19 4.59 15.40
CA ARG A 889 6.48 3.59 14.37
C ARG A 889 5.34 3.38 13.38
N ASP A 890 4.10 3.38 13.88
CA ASP A 890 2.91 3.17 13.06
C ASP A 890 1.98 4.35 13.35
N SER A 891 2.14 5.42 12.58
CA SER A 891 1.37 6.65 12.80
C SER A 891 0.03 6.81 12.06
N TYR A 892 -0.53 5.72 11.55
CA TYR A 892 -1.79 5.77 10.79
C TYR A 892 -2.96 6.53 11.42
N ASP A 893 -2.97 6.64 12.74
CA ASP A 893 -4.06 7.34 13.41
C ASP A 893 -3.50 8.24 14.50
N SER A 894 -2.26 8.69 14.31
CA SER A 894 -1.62 9.56 15.29
C SER A 894 -1.83 11.05 15.02
N GLY A 895 -2.81 11.34 14.15
CA GLY A 895 -3.18 12.71 13.82
C GLY A 895 -2.18 13.70 13.27
N ASP A 896 -2.61 14.96 13.18
CA ASP A 896 -1.76 16.02 12.65
C ASP A 896 -0.52 16.22 13.51
N TRP A 897 -0.64 15.97 14.81
CA TRP A 897 0.47 16.18 15.73
C TRP A 897 1.77 15.43 15.46
N PHE A 898 1.70 14.11 15.36
CA PHE A 898 2.90 13.30 15.12
C PHE A 898 3.25 13.14 13.66
N ASN A 899 2.33 13.46 12.76
CA ASN A 899 2.58 13.32 11.33
C ASN A 899 2.90 14.64 10.65
N ARG A 900 3.08 15.67 11.47
CA ARG A 900 3.39 17.03 11.02
C ARG A 900 4.62 17.20 10.12
N VAL A 901 4.45 17.96 9.05
CA VAL A 901 5.54 18.29 8.13
C VAL A 901 5.45 19.80 8.03
N ASP A 902 6.50 20.48 8.48
CA ASP A 902 6.54 21.94 8.49
C ASP A 902 7.22 22.56 7.28
N TYR A 903 6.43 23.02 6.31
CA TYR A 903 7.03 23.63 5.14
C TYR A 903 7.52 25.04 5.38
N SER A 904 7.41 25.51 6.63
CA SER A 904 7.93 26.84 6.97
C SER A 904 9.38 26.62 7.43
N LEU A 905 9.79 25.36 7.48
CA LEU A 905 11.14 24.93 7.84
C LEU A 905 11.69 25.26 9.22
N GLN A 906 10.84 25.32 10.23
CA GLN A 906 11.32 25.64 11.57
C GLN A 906 11.96 24.45 12.28
N ASP A 907 11.41 23.26 12.04
CA ASP A 907 11.95 22.04 12.65
C ASP A 907 11.40 20.82 11.92
N ASN A 908 11.86 19.63 12.30
CA ASN A 908 11.43 18.40 11.63
C ASN A 908 10.41 17.57 12.40
N ASN A 909 9.77 18.18 13.39
CA ASN A 909 8.75 17.54 14.22
C ASN A 909 9.32 16.47 15.16
N TYR A 910 10.61 16.56 15.43
CA TYR A 910 11.27 15.62 16.33
C TYR A 910 11.04 16.12 17.77
N ASN A 911 11.07 15.21 18.73
CA ASN A 911 10.89 15.59 20.14
C ASN A 911 9.64 16.43 20.43
N VAL A 912 8.47 15.95 20.03
CA VAL A 912 7.23 16.67 20.29
C VAL A 912 6.33 15.84 21.19
N GLY A 913 6.96 14.98 22.00
CA GLY A 913 6.24 14.12 22.93
C GLY A 913 6.47 12.64 22.65
N MET A 914 6.38 11.81 23.69
CA MET A 914 6.56 10.39 23.49
C MET A 914 5.42 9.88 22.60
N PRO A 915 5.73 8.96 21.68
CA PRO A 915 4.73 8.39 20.76
C PRO A 915 3.72 7.50 21.47
N ARG A 916 2.64 7.14 20.76
CA ARG A 916 1.58 6.29 21.29
C ARG A 916 2.13 5.14 22.14
N SER A 917 1.60 5.00 23.36
CA SER A 917 2.07 3.96 24.26
C SER A 917 1.62 2.55 23.90
N SER A 918 0.42 2.43 23.34
CA SER A 918 -0.09 1.12 22.96
C SER A 918 0.86 0.37 22.02
N ASP A 919 1.50 1.09 21.10
CA ASP A 919 2.40 0.47 20.13
C ASP A 919 3.89 0.72 20.35
N ASP A 920 4.25 1.85 20.97
CA ASP A 920 5.67 2.17 21.20
C ASP A 920 6.06 2.22 22.68
N GLY A 921 5.13 1.84 23.56
CA GLY A 921 5.41 1.83 24.98
C GLY A 921 6.66 1.04 25.35
N SER A 922 6.87 -0.10 24.70
CA SER A 922 8.03 -0.92 25.00
C SER A 922 9.33 -0.28 24.51
N ASN A 923 9.21 0.86 23.83
CA ASN A 923 10.39 1.56 23.32
C ASN A 923 10.68 2.87 24.07
N TYR A 924 9.86 3.19 25.06
CA TYR A 924 10.07 4.43 25.81
C TYR A 924 11.47 4.46 26.45
N ASP A 925 11.90 3.33 27.02
CA ASP A 925 13.20 3.26 27.66
C ASP A 925 14.35 3.60 26.72
N ILE A 926 14.40 2.96 25.56
CA ILE A 926 15.47 3.25 24.61
C ILE A 926 15.32 4.66 24.03
N ILE A 927 14.09 5.12 23.87
CA ILE A 927 13.85 6.47 23.33
C ILE A 927 14.41 7.54 24.27
N ALA A 928 14.13 7.41 25.57
CA ALA A 928 14.61 8.39 26.54
C ALA A 928 16.12 8.43 26.59
N ARG A 929 16.72 7.29 26.28
CA ARG A 929 18.17 7.18 26.30
C ARG A 929 18.87 7.80 25.11
N VAL A 930 18.23 7.81 23.95
CA VAL A 930 18.87 8.36 22.75
C VAL A 930 18.31 9.70 22.27
N LYS A 931 17.08 10.01 22.65
CA LYS A 931 16.41 11.22 22.19
C LYS A 931 17.16 12.54 22.20
N ASP A 932 17.83 12.85 23.29
CA ASP A 932 18.51 14.13 23.39
C ASP A 932 20.00 14.11 23.08
N ALA A 933 20.45 13.08 22.38
CA ALA A 933 21.87 12.96 22.01
C ALA A 933 22.41 14.24 21.41
N VAL A 934 21.68 14.80 20.45
CA VAL A 934 22.09 16.05 19.79
C VAL A 934 20.90 16.98 19.69
N ALA A 935 21.13 18.18 19.14
CA ALA A 935 20.05 19.16 19.00
C ALA A 935 19.01 18.72 17.97
N THR A 936 17.81 19.29 18.07
CA THR A 936 16.73 19.01 17.13
C THR A 936 16.97 19.87 15.90
N PRO A 937 16.93 19.27 14.69
CA PRO A 937 17.15 20.05 13.47
C PRO A 937 16.29 21.30 13.41
N GLY A 938 16.89 22.38 12.91
CA GLY A 938 16.18 23.64 12.78
C GLY A 938 16.23 24.03 11.32
N GLU A 939 15.97 25.31 11.02
CA GLU A 939 15.97 25.79 9.65
C GLU A 939 17.29 25.60 8.89
N THR A 940 18.41 25.76 9.59
CA THR A 940 19.71 25.58 8.94
C THR A 940 19.84 24.16 8.42
N GLU A 941 19.48 23.19 9.25
CA GLU A 941 19.58 21.79 8.88
C GLU A 941 18.60 21.38 7.79
N LEU A 942 17.36 21.85 7.87
CA LEU A 942 16.36 21.51 6.87
C LEU A 942 16.79 22.04 5.50
N LYS A 943 17.29 23.27 5.45
CA LYS A 943 17.72 23.83 4.17
C LYS A 943 18.91 23.04 3.63
N GLN A 944 19.82 22.65 4.52
CA GLN A 944 20.99 21.87 4.12
C GLN A 944 20.56 20.52 3.57
N MET A 945 19.58 19.88 4.21
CA MET A 945 19.11 18.58 3.74
C MET A 945 18.39 18.69 2.40
N THR A 946 17.52 19.68 2.27
CA THR A 946 16.79 19.85 1.02
C THR A 946 17.79 20.04 -0.11
N ALA A 947 18.87 20.77 0.15
CA ALA A 947 19.90 21.00 -0.85
C ALA A 947 20.57 19.67 -1.24
N PHE A 948 20.91 18.86 -0.24
CA PHE A 948 21.52 17.56 -0.48
C PHE A 948 20.57 16.68 -1.29
N TYR A 949 19.31 16.67 -0.86
CA TYR A 949 18.28 15.87 -1.50
C TYR A 949 18.09 16.21 -2.98
N GLN A 950 17.98 17.50 -3.27
CA GLN A 950 17.81 17.94 -4.65
C GLN A 950 19.04 17.69 -5.49
N GLU A 951 20.22 17.75 -4.85
CA GLU A 951 21.46 17.47 -5.57
C GLU A 951 21.40 16.01 -6.03
N LEU A 952 20.97 15.11 -5.14
CA LEU A 952 20.88 13.70 -5.47
C LEU A 952 19.89 13.42 -6.58
N THR A 953 18.67 13.94 -6.45
CA THR A 953 17.65 13.72 -7.48
C THR A 953 18.10 14.33 -8.81
N ALA A 954 18.81 15.45 -8.73
CA ALA A 954 19.32 16.13 -9.93
C ALA A 954 20.36 15.27 -10.61
N LEU A 955 21.21 14.62 -9.82
CA LEU A 955 22.26 13.76 -10.37
C LEU A 955 21.63 12.52 -11.01
N ARG A 956 20.58 12.00 -10.39
CA ARG A 956 19.89 10.81 -10.90
C ARG A 956 19.36 11.02 -12.32
N LYS A 957 18.83 12.21 -12.60
CA LYS A 957 18.28 12.48 -13.92
C LYS A 957 19.26 13.20 -14.84
N SER A 958 20.48 13.41 -14.37
CA SER A 958 21.49 14.11 -15.18
C SER A 958 22.10 13.25 -16.27
N SER A 959 21.86 11.94 -16.19
CA SER A 959 22.41 11.02 -17.19
C SER A 959 21.58 9.75 -17.27
N PRO A 960 21.37 9.23 -18.50
CA PRO A 960 20.59 8.01 -18.66
C PRO A 960 21.32 6.77 -18.12
N LEU A 961 22.59 6.94 -17.76
CA LEU A 961 23.38 5.84 -17.24
C LEU A 961 22.92 5.38 -15.84
N PHE A 962 22.30 6.29 -15.10
CA PHE A 962 21.81 5.99 -13.76
C PHE A 962 20.52 5.15 -13.76
N THR A 963 19.83 5.16 -14.90
CA THR A 963 18.56 4.46 -15.03
C THR A 963 18.47 3.65 -16.33
N LEU A 964 19.38 2.70 -16.48
CA LEU A 964 19.45 1.84 -17.66
C LEU A 964 18.18 1.06 -17.98
N GLY A 965 17.39 0.75 -16.96
CA GLY A 965 16.13 0.04 -17.16
C GLY A 965 16.14 -1.44 -17.47
N ASP A 966 16.98 -1.86 -18.42
CA ASP A 966 17.08 -3.25 -18.82
C ASP A 966 18.12 -4.02 -18.00
N GLY A 967 17.72 -5.17 -17.46
CA GLY A 967 18.62 -5.97 -16.65
C GLY A 967 19.93 -6.35 -17.33
N ALA A 968 19.85 -6.82 -18.58
CA ALA A 968 21.04 -7.21 -19.31
C ALA A 968 21.97 -6.03 -19.52
N THR A 969 21.40 -4.84 -19.74
CA THR A 969 22.21 -3.65 -19.94
C THR A 969 22.93 -3.30 -18.63
N VAL A 970 22.24 -3.45 -17.52
CA VAL A 970 22.84 -3.18 -16.23
C VAL A 970 24.03 -4.11 -16.04
N MET A 971 23.83 -5.40 -16.31
CA MET A 971 24.90 -6.37 -16.15
C MET A 971 26.08 -6.04 -17.06
N LYS A 972 25.78 -5.46 -18.22
CA LYS A 972 26.82 -5.10 -19.19
C LYS A 972 27.60 -3.83 -18.84
N ARG A 973 27.00 -2.94 -18.05
CA ARG A 973 27.63 -1.67 -17.73
C ARG A 973 27.98 -1.36 -16.27
N VAL A 974 27.23 -1.94 -15.34
CA VAL A 974 27.44 -1.68 -13.92
C VAL A 974 28.40 -2.63 -13.23
N ASP A 975 29.30 -2.06 -12.42
CA ASP A 975 30.28 -2.85 -11.69
C ASP A 975 30.61 -2.12 -10.38
N PHE A 976 31.45 -2.74 -9.54
CA PHE A 976 31.84 -2.12 -8.28
C PHE A 976 33.31 -2.28 -7.99
N ARG A 977 33.84 -1.36 -7.19
CA ARG A 977 35.23 -1.37 -6.77
C ARG A 977 35.18 -1.48 -5.25
N ASN A 978 36.34 -1.51 -4.61
CA ASN A 978 36.40 -1.60 -3.15
C ASN A 978 35.54 -2.75 -2.63
N THR A 979 35.76 -3.96 -3.16
CA THR A 979 35.00 -5.13 -2.74
C THR A 979 35.94 -6.20 -2.18
N GLY A 980 35.38 -7.23 -1.58
CA GLY A 980 36.21 -8.30 -1.05
C GLY A 980 36.62 -8.11 0.39
N ALA A 981 37.52 -8.97 0.86
CA ALA A 981 38.01 -8.95 2.23
C ALA A 981 38.93 -7.78 2.58
N ASP A 982 39.50 -7.14 1.57
CA ASP A 982 40.41 -6.02 1.81
C ASP A 982 39.73 -4.67 1.58
N GLN A 983 38.40 -4.68 1.51
CA GLN A 983 37.65 -3.45 1.26
C GLN A 983 37.65 -2.49 2.45
N GLN A 984 37.52 -1.21 2.17
CA GLN A 984 37.47 -0.21 3.23
C GLN A 984 35.97 -0.17 3.58
N THR A 985 35.62 -0.63 4.76
CA THR A 985 34.22 -0.70 5.20
C THR A 985 33.45 0.61 5.10
N GLY A 986 32.25 0.53 4.54
CA GLY A 986 31.42 1.72 4.41
C GLY A 986 31.56 2.49 3.11
N LEU A 987 32.59 2.19 2.32
CA LEU A 987 32.80 2.89 1.05
C LEU A 987 32.18 2.11 -0.09
N LEU A 988 31.16 2.69 -0.70
CA LEU A 988 30.48 2.06 -1.82
C LEU A 988 30.96 2.75 -3.09
N VAL A 989 31.59 2.00 -3.99
CA VAL A 989 32.07 2.58 -5.24
C VAL A 989 31.47 1.80 -6.41
N MET A 990 30.60 2.46 -7.15
CA MET A 990 29.92 1.86 -8.29
C MET A 990 30.33 2.54 -9.60
N THR A 991 30.61 1.74 -10.63
CA THR A 991 30.98 2.29 -11.93
C THR A 991 29.90 1.96 -12.94
N ILE A 992 29.70 2.87 -13.89
CA ILE A 992 28.71 2.67 -14.94
C ILE A 992 29.42 2.97 -16.26
N ASP A 993 29.56 1.93 -17.09
CA ASP A 993 30.26 2.06 -18.36
C ASP A 993 29.45 2.61 -19.52
N ASP A 994 30.11 3.38 -20.37
CA ASP A 994 29.48 3.94 -21.57
C ASP A 994 30.55 3.96 -22.64
N GLY A 995 31.62 3.20 -22.39
CA GLY A 995 32.72 3.11 -23.32
C GLY A 995 32.44 2.15 -24.46
N MET A 996 33.39 2.04 -25.37
CA MET A 996 33.27 1.17 -26.54
C MET A 996 32.82 -0.24 -26.21
N GLN A 997 33.36 -0.81 -25.14
CA GLN A 997 33.01 -2.18 -24.74
C GLN A 997 31.62 -2.38 -24.15
N ALA A 998 30.91 -1.29 -23.88
CA ALA A 998 29.56 -1.39 -23.32
C ALA A 998 28.52 -1.43 -24.43
N GLY A 999 28.90 -0.94 -25.61
CA GLY A 999 28.00 -0.91 -26.74
C GLY A 999 27.79 0.51 -27.25
N ALA A 1000 26.54 0.92 -27.36
CA ALA A 1000 26.21 2.25 -27.84
C ALA A 1000 26.38 3.33 -26.79
N SER A 1001 26.85 4.50 -27.20
CA SER A 1001 27.02 5.61 -26.28
C SER A 1001 25.66 6.18 -25.94
N LEU A 1002 25.26 6.08 -24.67
CA LEU A 1002 23.97 6.59 -24.25
C LEU A 1002 24.05 8.03 -23.78
N ASP A 1003 25.26 8.47 -23.42
CA ASP A 1003 25.46 9.84 -22.94
C ASP A 1003 26.58 10.50 -23.75
N SER A 1004 26.21 11.47 -24.59
CA SER A 1004 27.19 12.15 -25.44
C SER A 1004 28.22 12.99 -24.69
N ARG A 1005 28.00 13.22 -23.40
CA ARG A 1005 28.93 14.03 -22.61
C ARG A 1005 29.99 13.25 -21.85
N VAL A 1006 29.73 11.98 -21.57
CA VAL A 1006 30.69 11.17 -20.82
C VAL A 1006 30.85 9.75 -21.34
N ASP A 1007 31.97 9.13 -20.96
CA ASP A 1007 32.28 7.76 -21.34
C ASP A 1007 32.06 6.82 -20.17
N GLY A 1008 31.74 7.40 -19.01
CA GLY A 1008 31.51 6.59 -17.83
C GLY A 1008 31.29 7.43 -16.61
N ILE A 1009 30.67 6.84 -15.59
CA ILE A 1009 30.40 7.55 -14.35
C ILE A 1009 30.83 6.70 -13.15
N VAL A 1010 31.33 7.38 -12.13
CA VAL A 1010 31.74 6.71 -10.91
C VAL A 1010 30.94 7.31 -9.76
N VAL A 1011 30.30 6.44 -8.99
CA VAL A 1011 29.51 6.88 -7.85
C VAL A 1011 30.23 6.41 -6.60
N ALA A 1012 30.68 7.35 -5.77
CA ALA A 1012 31.37 6.99 -4.55
C ALA A 1012 30.62 7.51 -3.34
N ILE A 1013 30.20 6.59 -2.47
CA ILE A 1013 29.50 6.96 -1.26
C ILE A 1013 30.35 6.49 -0.08
N ASN A 1014 30.95 7.44 0.63
CA ASN A 1014 31.81 7.14 1.76
C ASN A 1014 31.01 7.22 3.06
N ALA A 1015 30.32 6.14 3.40
CA ALA A 1015 29.52 6.10 4.62
C ALA A 1015 30.44 5.70 5.76
N ALA A 1016 31.32 6.60 6.14
CA ALA A 1016 32.29 6.32 7.20
C ALA A 1016 32.85 7.60 7.78
N PRO A 1017 33.34 7.52 9.03
CA PRO A 1017 33.91 8.68 9.72
C PRO A 1017 35.34 8.99 9.29
N GLU A 1018 35.85 8.28 8.29
CA GLU A 1018 37.21 8.51 7.79
C GLU A 1018 37.25 9.06 6.36
N SER A 1019 38.36 9.68 6.01
CA SER A 1019 38.55 10.16 4.65
C SER A 1019 39.08 8.91 3.93
N ARG A 1020 38.66 8.70 2.70
CA ARG A 1020 39.09 7.55 1.92
C ARG A 1020 39.68 8.01 0.60
N THR A 1021 40.78 7.37 0.20
CA THR A 1021 41.43 7.69 -1.05
C THR A 1021 41.25 6.54 -2.04
N LEU A 1022 40.78 6.87 -3.24
CA LEU A 1022 40.57 5.86 -4.28
C LEU A 1022 41.71 5.94 -5.28
N GLN A 1023 42.36 4.82 -5.53
CA GLN A 1023 43.46 4.77 -6.49
C GLN A 1023 43.06 3.98 -7.73
N ASP A 1024 41.85 3.43 -7.70
CA ASP A 1024 41.34 2.61 -8.79
C ASP A 1024 41.41 3.27 -10.18
N PHE A 1025 41.08 4.56 -10.25
CA PHE A 1025 41.05 5.25 -11.52
C PHE A 1025 42.23 6.19 -11.79
N ALA A 1026 43.44 5.68 -11.59
CA ALA A 1026 44.64 6.47 -11.82
C ALA A 1026 44.81 6.68 -13.33
N GLY A 1027 45.16 7.90 -13.73
CA GLY A 1027 45.35 8.20 -15.13
C GLY A 1027 44.10 8.13 -15.99
N THR A 1028 42.94 8.06 -15.35
CA THR A 1028 41.67 7.97 -16.09
C THR A 1028 41.06 9.34 -16.35
N SER A 1029 41.67 10.38 -15.79
CA SER A 1029 41.18 11.75 -15.95
C SER A 1029 39.74 11.90 -15.49
N LEU A 1030 39.50 11.52 -14.24
CA LEU A 1030 38.18 11.58 -13.64
C LEU A 1030 37.88 13.01 -13.20
N GLN A 1031 36.63 13.46 -13.39
CA GLN A 1031 36.25 14.81 -12.99
C GLN A 1031 34.97 14.81 -12.17
N LEU A 1032 34.89 15.72 -11.20
CA LEU A 1032 33.71 15.82 -10.36
C LEU A 1032 32.56 16.37 -11.19
N SER A 1033 31.36 15.84 -10.97
CA SER A 1033 30.18 16.29 -11.68
C SER A 1033 29.96 17.80 -11.53
N ALA A 1034 29.65 18.47 -12.63
CA ALA A 1034 29.42 19.91 -12.62
C ALA A 1034 28.31 20.29 -11.64
N ILE A 1035 27.31 19.42 -11.50
CA ILE A 1035 26.21 19.69 -10.59
C ILE A 1035 26.73 19.80 -9.16
N GLN A 1036 27.64 18.91 -8.78
CA GLN A 1036 28.19 18.98 -7.43
C GLN A 1036 29.18 20.12 -7.30
N GLN A 1037 29.93 20.41 -8.36
CA GLN A 1037 30.89 21.52 -8.32
C GLN A 1037 30.14 22.82 -8.06
N ALA A 1038 29.03 23.00 -8.77
CA ALA A 1038 28.21 24.20 -8.65
C ALA A 1038 27.66 24.40 -7.25
N ALA A 1039 27.51 23.32 -6.50
CA ALA A 1039 26.99 23.42 -5.15
C ALA A 1039 28.04 23.90 -4.17
N GLY A 1040 29.30 23.95 -4.62
CA GLY A 1040 30.38 24.41 -3.75
C GLY A 1040 30.44 23.66 -2.43
N ASP A 1041 30.59 24.39 -1.34
CA ASP A 1041 30.68 23.77 -0.02
C ASP A 1041 29.34 23.31 0.57
N ARG A 1042 28.28 23.37 -0.23
CA ARG A 1042 26.96 22.92 0.22
C ARG A 1042 26.69 21.56 -0.41
N SER A 1043 27.67 21.07 -1.16
CA SER A 1043 27.55 19.78 -1.84
C SER A 1043 27.85 18.60 -0.94
N LEU A 1044 27.31 17.45 -1.29
CA LEU A 1044 27.58 16.24 -0.53
C LEU A 1044 29.02 15.86 -0.87
N ALA A 1045 29.53 16.47 -1.95
CA ALA A 1045 30.89 16.23 -2.42
C ALA A 1045 31.86 17.30 -1.92
N SER A 1046 31.40 18.20 -1.07
CA SER A 1046 32.25 19.25 -0.53
C SER A 1046 33.52 18.66 0.10
N GLY A 1047 34.68 19.15 -0.33
CA GLY A 1047 35.93 18.66 0.22
C GLY A 1047 36.56 17.55 -0.61
N VAL A 1048 35.79 16.99 -1.53
CA VAL A 1048 36.33 15.93 -2.39
C VAL A 1048 37.50 16.51 -3.16
N GLN A 1049 38.53 15.69 -3.39
CA GLN A 1049 39.68 16.16 -4.12
C GLN A 1049 40.16 15.14 -5.14
N VAL A 1050 40.40 15.64 -6.36
CA VAL A 1050 40.88 14.81 -7.45
C VAL A 1050 42.30 15.27 -7.74
N ALA A 1051 43.27 14.47 -7.29
CA ALA A 1051 44.69 14.79 -7.47
C ALA A 1051 45.14 14.82 -8.92
N ALA A 1052 46.39 15.22 -9.12
CA ALA A 1052 46.99 15.30 -10.46
C ALA A 1052 47.17 13.92 -11.06
N ASP A 1053 47.53 12.95 -10.22
CA ASP A 1053 47.73 11.59 -10.67
C ASP A 1053 46.44 10.92 -11.10
N GLY A 1054 45.34 11.28 -10.44
CA GLY A 1054 44.05 10.69 -10.77
C GLY A 1054 43.37 10.07 -9.58
N SER A 1055 44.08 10.00 -8.46
CA SER A 1055 43.52 9.43 -7.25
C SER A 1055 42.47 10.40 -6.74
N VAL A 1056 41.45 9.87 -6.08
CA VAL A 1056 40.38 10.69 -5.55
C VAL A 1056 40.25 10.49 -4.05
N THR A 1057 40.17 11.58 -3.30
CA THR A 1057 40.01 11.48 -1.85
C THR A 1057 38.63 11.99 -1.45
N LEU A 1058 37.94 11.20 -0.64
CA LEU A 1058 36.60 11.56 -0.19
C LEU A 1058 36.56 11.80 1.31
N PRO A 1059 36.01 12.95 1.73
CA PRO A 1059 35.90 13.27 3.16
C PRO A 1059 34.89 12.34 3.80
N ALA A 1060 34.81 12.35 5.12
CA ALA A 1060 33.85 11.50 5.82
C ALA A 1060 32.42 11.84 5.42
N TRP A 1061 31.55 10.83 5.45
CA TRP A 1061 30.13 10.99 5.13
C TRP A 1061 29.88 11.88 3.92
N SER A 1062 30.51 11.51 2.80
CA SER A 1062 30.37 12.28 1.58
C SER A 1062 29.92 11.41 0.42
N VAL A 1063 29.42 12.06 -0.63
CA VAL A 1063 28.97 11.35 -1.82
C VAL A 1063 29.49 12.13 -3.01
N ALA A 1064 30.17 11.43 -3.90
CA ALA A 1064 30.71 12.07 -5.08
C ALA A 1064 30.35 11.32 -6.35
N VAL A 1065 29.95 12.07 -7.36
CA VAL A 1065 29.63 11.51 -8.66
C VAL A 1065 30.69 12.07 -9.60
N LEU A 1066 31.57 11.19 -10.08
CA LEU A 1066 32.65 11.59 -10.98
C LEU A 1066 32.32 11.12 -12.39
N GLU A 1067 32.94 11.75 -13.38
CA GLU A 1067 32.68 11.39 -14.77
C GLU A 1067 33.93 11.45 -15.66
N LEU A 1068 33.86 10.73 -16.77
CA LEU A 1068 34.95 10.71 -17.75
C LEU A 1068 34.42 11.51 -18.93
N PRO A 1069 34.90 12.76 -19.09
CA PRO A 1069 34.43 13.56 -20.22
C PRO A 1069 34.68 12.85 -21.54
N GLN A 1070 33.65 12.77 -22.38
CA GLN A 1070 33.77 12.10 -23.67
C GLN A 1070 34.49 12.99 -24.69
N GLY A 1071 35.45 12.40 -25.40
CA GLY A 1071 36.20 13.16 -26.39
C GLY A 1071 35.53 13.24 -27.74
N GLU A 1072 36.35 13.29 -28.79
CA GLU A 1072 35.85 13.37 -30.16
C GLU A 1072 35.04 12.13 -30.48
N SER A 1073 35.39 11.02 -29.85
CA SER A 1073 34.70 9.76 -30.07
C SER A 1073 34.57 8.99 -28.76
N GLN A 1074 33.80 7.91 -28.79
CA GLN A 1074 33.60 7.07 -27.61
C GLN A 1074 34.94 6.59 -27.09
N GLY A 1075 35.15 6.73 -25.79
CA GLY A 1075 36.41 6.32 -25.19
C GLY A 1075 36.39 4.93 -24.58
N ALA A 1076 37.45 4.59 -23.84
CA ALA A 1076 37.56 3.29 -23.19
C ALA A 1076 36.51 3.09 -22.09
N GLY A 1077 36.13 4.19 -21.45
CA GLY A 1077 35.14 4.11 -20.39
C GLY A 1077 35.58 3.30 -19.19
N LEU A 1078 34.62 2.62 -18.55
CA LEU A 1078 34.89 1.80 -17.37
C LEU A 1078 34.28 0.41 -17.57
N PRO A 1079 34.92 -0.44 -18.39
CA PRO A 1079 34.43 -1.79 -18.67
C PRO A 1079 34.26 -2.68 -17.44
N VAL A 1080 33.16 -3.41 -17.43
CA VAL A 1080 32.87 -4.33 -16.34
C VAL A 1080 33.93 -5.42 -16.33
N SER A 1081 34.55 -5.64 -15.17
CA SER A 1081 35.59 -6.64 -15.04
C SER A 1081 35.02 -8.06 -15.08
N SER A 1082 35.66 -8.93 -15.84
CA SER A 1082 35.21 -10.32 -15.95
C SER A 1082 35.39 -11.03 -14.62
N LYS A 1083 34.41 -11.83 -14.23
CA LYS A 1083 34.47 -12.55 -12.96
C LYS A 1083 34.16 -14.03 -13.14
#